data_2PUZ
#
_entry.id   2PUZ
#
_cell.length_a   140.913
_cell.length_b   64.371
_cell.length_c   103.876
_cell.angle_alpha   90.00
_cell.angle_beta   112.27
_cell.angle_gamma   90.00
#
_symmetry.space_group_name_H-M   'C 1 2 1'
#
loop_
_entity.id
_entity.type
_entity.pdbx_description
1 polymer Imidazolonepropionase
2 non-polymer 'FE (III) ION'
3 non-polymer 'MAGNESIUM ION'
4 non-polymer 'CHLORIDE ION'
5 non-polymer 'N-(IMINOMETHYL)-L-GLUTAMIC ACID'
6 water water
#
_entity_poly.entity_id   1
_entity_poly.type   'polypeptide(L)'
_entity_poly.pdbx_seq_one_letter_code
;MPGNNSAKGTATGNATALWRNAQLATLNPAMDGIGAVENAVIAVRNGRIAFAGPESDLPDDLSTADETTDCGGRWITPAL
IDCHTHLVFGGNRAMEFEMRLNGATYEEIAKAGGGIVSSVRDTRALSDEVLVAQALPRLDTLLSEGVSTIEIKSGYGLDI
ETELKMLRVARRLETLRPVRIVTSYLAAHATPADYKGRNADYITDVVLPGLEKAHAEGLADAVDGFCEGIAFSVKEIDRV
FAAAQQRGLPVKLHAEQLSNLGGAELAASYNALSADHLEYLDETGAKALAKAGTVAVLLPGAFYALREKQLPPVQALRDA
GAEIALATDCNPGTSPLTSLLLTMNMGATLFRMTVEECLTATTRNAAKALGLLAETGTLEAGKSADFAIWDIERPAELVY
RIGFNPLHARIFKGQKVSP
;
_entity_poly.pdbx_strand_id   A,B
#
loop_
_chem_comp.id
_chem_comp.type
_chem_comp.name
_chem_comp.formula
CL non-polymer 'CHLORIDE ION' 'Cl -1'
FE non-polymer 'FE (III) ION' 'Fe 3'
MG non-polymer 'MAGNESIUM ION' 'Mg 2'
NIG non-polymer 'N-(IMINOMETHYL)-L-GLUTAMIC ACID' 'C6 H10 N2 O4'
#
# COMPACT_ATOMS: atom_id res chain seq x y z
N ALA A 15 1.29 34.90 17.33
CA ALA A 15 2.48 34.05 17.05
C ALA A 15 2.76 33.95 15.55
N THR A 16 4.04 34.11 15.17
CA THR A 16 4.46 34.04 13.77
C THR A 16 5.55 33.00 13.52
N ALA A 17 5.71 32.64 12.25
CA ALA A 17 6.72 31.65 11.85
C ALA A 17 6.91 31.66 10.34
N LEU A 18 8.12 31.38 9.88
CA LEU A 18 8.41 31.36 8.45
C LEU A 18 9.01 30.04 8.01
N TRP A 19 8.64 29.61 6.80
CA TRP A 19 9.17 28.38 6.21
C TRP A 19 9.84 28.81 4.91
N ARG A 20 11.17 28.83 4.91
CA ARG A 20 11.94 29.27 3.76
C ARG A 20 12.61 28.13 2.99
N ASN A 21 13.14 28.47 1.82
CA ASN A 21 13.82 27.54 0.94
C ASN A 21 13.02 26.29 0.66
N ALA A 22 11.90 26.47 -0.04
CA ALA A 22 11.06 25.35 -0.39
C ALA A 22 10.39 25.55 -1.73
N GLN A 23 9.83 24.48 -2.26
CA GLN A 23 9.10 24.52 -3.51
C GLN A 23 7.67 24.26 -3.05
N LEU A 24 6.73 25.05 -3.56
CA LEU A 24 5.34 24.89 -3.15
C LEU A 24 4.43 24.41 -4.25
N ALA A 25 3.48 23.58 -3.88
CA ALA A 25 2.45 23.09 -4.78
C ALA A 25 1.25 23.71 -4.07
N THR A 26 0.91 24.95 -4.45
CA THR A 26 -0.18 25.66 -3.80
C THR A 26 -1.59 25.16 -4.12
N LEU A 27 -1.75 24.57 -5.30
CA LEU A 27 -3.05 24.11 -5.76
C LEU A 27 -4.06 25.24 -5.76
N ASN A 28 -3.54 26.46 -5.91
CA ASN A 28 -4.36 27.65 -5.98
C ASN A 28 -5.13 27.46 -7.28
N PRO A 29 -6.47 27.40 -7.21
CA PRO A 29 -7.27 27.22 -8.43
C PRO A 29 -7.08 28.29 -9.49
N ALA A 30 -6.58 29.44 -9.07
CA ALA A 30 -6.36 30.54 -10.01
C ALA A 30 -5.08 30.31 -10.82
N MET A 31 -4.30 29.29 -10.46
CA MET A 31 -3.05 28.98 -11.16
C MET A 31 -3.16 27.75 -12.02
N ASP A 32 -2.26 27.61 -13.00
CA ASP A 32 -2.28 26.45 -13.87
C ASP A 32 -1.75 25.23 -13.10
N GLY A 33 -2.10 24.04 -13.57
CA GLY A 33 -1.64 22.82 -12.93
C GLY A 33 -1.93 22.76 -11.45
N ILE A 34 -0.89 22.44 -10.67
CA ILE A 34 -1.05 22.34 -9.23
C ILE A 34 -0.50 23.59 -8.53
N GLY A 35 -0.37 24.67 -9.30
CA GLY A 35 0.10 25.93 -8.76
C GLY A 35 1.47 25.85 -8.11
N ALA A 36 2.43 25.26 -8.83
CA ALA A 36 3.78 25.12 -8.31
C ALA A 36 4.54 26.44 -8.28
N VAL A 37 5.32 26.63 -7.21
CA VAL A 37 6.13 27.84 -7.04
C VAL A 37 7.54 27.50 -6.55
N GLU A 38 8.55 27.86 -7.34
CA GLU A 38 9.95 27.62 -7.01
C GLU A 38 10.49 28.67 -6.03
N ASN A 39 11.48 28.27 -5.23
CA ASN A 39 12.08 29.16 -4.23
C ASN A 39 10.99 29.98 -3.57
N ALA A 40 10.18 29.30 -2.78
CA ALA A 40 9.07 29.94 -2.10
C ALA A 40 9.25 29.95 -0.60
N VAL A 41 8.31 30.60 0.07
CA VAL A 41 8.31 30.73 1.51
C VAL A 41 6.85 30.73 1.95
N ILE A 42 6.62 30.32 3.18
CA ILE A 42 5.28 30.32 3.75
C ILE A 42 5.35 31.14 5.01
N ALA A 43 4.51 32.16 5.10
CA ALA A 43 4.45 33.02 6.27
C ALA A 43 3.21 32.63 7.07
N VAL A 44 3.40 32.26 8.33
CA VAL A 44 2.27 31.88 9.18
C VAL A 44 2.05 32.87 10.31
N ARG A 45 0.79 33.25 10.50
CA ARG A 45 0.39 34.17 11.56
C ARG A 45 -0.86 33.63 12.24
N ASN A 46 -0.76 33.38 13.54
CA ASN A 46 -1.90 32.86 14.32
C ASN A 46 -2.52 31.61 13.67
N GLY A 47 -1.67 30.63 13.33
CA GLY A 47 -2.16 29.42 12.73
C GLY A 47 -2.77 29.59 11.35
N ARG A 48 -2.58 30.77 10.75
CA ARG A 48 -3.13 31.09 9.43
C ARG A 48 -2.02 31.35 8.42
N ILE A 49 -2.34 31.19 7.15
CA ILE A 49 -1.37 31.46 6.10
C ILE A 49 -1.44 32.95 5.77
N ALA A 50 -0.36 33.68 6.06
CA ALA A 50 -0.32 35.11 5.76
C ALA A 50 0.21 35.29 4.34
N PHE A 51 1.20 34.49 3.98
CA PHE A 51 1.77 34.56 2.64
C PHE A 51 2.29 33.19 2.19
N ALA A 52 2.12 32.91 0.90
CA ALA A 52 2.57 31.67 0.30
C ALA A 52 2.93 31.97 -1.15
N GLY A 53 4.23 31.95 -1.46
CA GLY A 53 4.69 32.22 -2.81
C GLY A 53 6.18 32.49 -2.90
N PRO A 54 6.62 33.13 -4.00
CA PRO A 54 8.03 33.47 -4.20
C PRO A 54 8.61 34.18 -2.98
N GLU A 55 9.79 33.76 -2.54
CA GLU A 55 10.41 34.38 -1.38
C GLU A 55 10.74 35.85 -1.64
N SER A 56 10.82 36.22 -2.91
CA SER A 56 11.13 37.59 -3.27
C SER A 56 9.89 38.48 -3.15
N ASP A 57 8.72 37.87 -3.29
CA ASP A 57 7.46 38.60 -3.19
C ASP A 57 6.99 38.74 -1.75
N LEU A 58 7.74 38.16 -0.81
CA LEU A 58 7.41 38.23 0.61
C LEU A 58 7.41 39.68 1.09
N PRO A 59 6.29 40.15 1.68
CA PRO A 59 6.14 41.51 2.20
C PRO A 59 7.08 41.78 3.38
N ASP A 60 7.72 42.94 3.38
CA ASP A 60 8.66 43.30 4.45
C ASP A 60 8.08 43.10 5.84
N ASP A 61 6.81 43.46 6.01
CA ASP A 61 6.14 43.30 7.30
C ASP A 61 6.01 41.85 7.72
N LEU A 62 6.49 40.96 6.86
CA LEU A 62 6.45 39.52 7.14
C LEU A 62 7.86 38.96 7.01
N SER A 63 8.78 39.82 6.55
CA SER A 63 10.18 39.44 6.38
C SER A 63 10.73 38.80 7.66
N THR A 64 10.07 39.06 8.78
CA THR A 64 10.51 38.50 10.06
C THR A 64 9.38 37.81 10.82
N ALA A 65 9.76 36.94 11.77
CA ALA A 65 8.81 36.20 12.58
C ALA A 65 9.54 35.61 13.79
N ASP A 66 8.82 35.01 14.73
CA ASP A 66 9.49 34.44 15.90
C ASP A 66 10.37 33.27 15.51
N GLU A 67 9.88 32.43 14.60
CA GLU A 67 10.65 31.27 14.16
C GLU A 67 10.85 31.27 12.66
N THR A 68 11.87 30.54 12.22
CA THR A 68 12.18 30.42 10.81
C THR A 68 12.74 29.02 10.59
N THR A 69 12.21 28.34 9.56
CA THR A 69 12.63 26.99 9.24
C THR A 69 13.14 26.91 7.80
N ASP A 70 14.33 26.36 7.64
CA ASP A 70 14.92 26.16 6.31
C ASP A 70 14.42 24.78 5.93
N CYS A 71 13.63 24.69 4.87
CA CYS A 71 13.09 23.39 4.47
C CYS A 71 14.05 22.55 3.63
N GLY A 72 15.27 23.05 3.45
CA GLY A 72 16.26 22.31 2.68
C GLY A 72 15.85 21.98 1.27
N GLY A 73 15.04 22.84 0.66
CA GLY A 73 14.62 22.63 -0.71
C GLY A 73 13.52 21.61 -0.91
N ARG A 74 12.98 21.07 0.17
CA ARG A 74 11.92 20.09 0.07
C ARG A 74 10.62 20.66 -0.48
N TRP A 75 9.74 19.79 -0.94
CA TRP A 75 8.47 20.23 -1.50
C TRP A 75 7.41 20.33 -0.41
N ILE A 76 6.51 21.29 -0.59
CA ILE A 76 5.43 21.48 0.36
C ILE A 76 4.12 21.47 -0.41
N THR A 77 3.13 20.76 0.13
CA THR A 77 1.82 20.68 -0.48
C THR A 77 0.82 20.94 0.63
N PRO A 78 -0.42 21.27 0.28
CA PRO A 78 -1.34 21.47 1.40
C PRO A 78 -1.49 20.09 2.06
N ALA A 79 -1.83 20.06 3.35
CA ALA A 79 -1.99 18.77 4.02
C ALA A 79 -3.02 17.96 3.25
N LEU A 80 -2.91 16.63 3.29
CA LEU A 80 -3.86 15.79 2.57
C LEU A 80 -5.18 15.71 3.32
N ILE A 81 -6.24 15.41 2.58
CA ILE A 81 -7.58 15.33 3.15
C ILE A 81 -8.26 14.04 2.71
N ASP A 82 -8.78 13.27 3.65
CA ASP A 82 -9.48 12.02 3.34
C ASP A 82 -10.94 12.36 3.60
N CYS A 83 -11.68 12.65 2.52
CA CYS A 83 -13.07 13.07 2.61
C CYS A 83 -14.12 11.99 2.69
N HIS A 84 -13.71 10.73 2.81
CA HIS A 84 -14.68 9.64 2.87
C HIS A 84 -14.14 8.43 3.61
N THR A 85 -14.51 8.29 4.89
CA THR A 85 -14.06 7.13 5.66
C THR A 85 -15.11 6.63 6.66
N HIS A 86 -14.94 5.37 7.07
CA HIS A 86 -15.81 4.73 8.05
C HIS A 86 -14.77 4.25 9.08
N LEU A 87 -13.82 5.13 9.35
CA LEU A 87 -12.70 4.85 10.27
C LEU A 87 -13.11 4.31 11.65
N VAL A 88 -14.30 4.66 12.11
CA VAL A 88 -14.78 4.19 13.40
C VAL A 88 -15.63 2.93 13.27
N PHE A 89 -15.22 1.87 13.97
CA PHE A 89 -15.93 0.61 13.95
C PHE A 89 -15.27 -0.37 14.92
N GLY A 90 -16.06 -1.32 15.42
CA GLY A 90 -15.52 -2.31 16.32
C GLY A 90 -15.08 -3.53 15.54
N GLY A 91 -14.06 -4.22 16.05
CA GLY A 91 -13.58 -5.44 15.41
C GLY A 91 -12.97 -5.29 14.03
N ASN A 92 -12.95 -6.39 13.29
CA ASN A 92 -12.42 -6.42 11.92
C ASN A 92 -13.12 -7.53 11.14
N ARG A 93 -12.84 -7.60 9.85
CA ARG A 93 -13.48 -8.60 9.01
C ARG A 93 -12.47 -9.51 8.32
N ALA A 94 -11.40 -9.86 9.05
CA ALA A 94 -10.36 -10.71 8.51
C ALA A 94 -10.86 -12.13 8.30
N MET A 95 -11.72 -12.59 9.20
CA MET A 95 -12.25 -13.94 9.11
C MET A 95 -12.91 -14.26 7.77
N GLU A 96 -13.92 -13.47 7.39
CA GLU A 96 -14.60 -13.72 6.13
C GLU A 96 -13.69 -13.53 4.93
N PHE A 97 -12.68 -12.68 5.10
CA PHE A 97 -11.71 -12.46 4.04
C PHE A 97 -11.00 -13.79 3.79
N GLU A 98 -10.52 -14.43 4.85
CA GLU A 98 -9.84 -15.71 4.73
C GLU A 98 -10.80 -16.77 4.18
N MET A 99 -12.03 -16.76 4.70
CA MET A 99 -13.04 -17.72 4.26
C MET A 99 -13.36 -17.63 2.76
N ARG A 100 -13.52 -16.42 2.25
CA ARG A 100 -13.84 -16.27 0.82
C ARG A 100 -12.75 -16.86 -0.05
N LEU A 101 -11.50 -16.53 0.25
CA LEU A 101 -10.39 -17.05 -0.53
C LEU A 101 -10.33 -18.58 -0.48
N ASN A 102 -10.89 -19.19 0.58
CA ASN A 102 -10.88 -20.65 0.69
C ASN A 102 -12.07 -21.29 -0.03
N GLY A 103 -12.90 -20.47 -0.66
CA GLY A 103 -14.05 -20.98 -1.37
C GLY A 103 -15.31 -21.07 -0.55
N ALA A 104 -15.36 -20.33 0.56
CA ALA A 104 -16.53 -20.32 1.43
C ALA A 104 -17.66 -19.56 0.74
N THR A 105 -18.88 -20.06 0.86
CA THR A 105 -20.04 -19.39 0.25
C THR A 105 -20.59 -18.31 1.18
N TYR A 106 -21.44 -17.47 0.63
CA TYR A 106 -22.05 -16.39 1.40
C TYR A 106 -22.79 -16.98 2.61
N GLU A 107 -23.50 -18.08 2.39
CA GLU A 107 -24.27 -18.74 3.45
C GLU A 107 -23.35 -19.26 4.58
N GLU A 108 -22.21 -19.82 4.19
CA GLU A 108 -21.25 -20.35 5.16
C GLU A 108 -20.56 -19.23 5.95
N ILE A 109 -20.31 -18.11 5.27
CA ILE A 109 -19.67 -16.98 5.92
C ILE A 109 -20.64 -16.41 6.95
N ALA A 110 -21.92 -16.39 6.60
CA ALA A 110 -22.95 -15.87 7.50
C ALA A 110 -23.07 -16.73 8.74
N LYS A 111 -23.06 -18.05 8.59
CA LYS A 111 -23.17 -18.90 9.77
C LYS A 111 -21.96 -18.71 10.68
N ALA A 112 -20.85 -18.26 10.11
CA ALA A 112 -19.63 -18.05 10.88
C ALA A 112 -19.64 -16.65 11.52
N GLY A 113 -20.69 -15.89 11.22
CA GLY A 113 -20.82 -14.54 11.77
C GLY A 113 -20.36 -13.42 10.84
N GLY A 114 -20.05 -13.77 9.59
CA GLY A 114 -19.57 -12.79 8.63
C GLY A 114 -20.63 -11.86 8.06
N GLY A 115 -20.18 -10.87 7.29
CA GLY A 115 -21.12 -9.92 6.71
C GLY A 115 -21.10 -8.62 7.48
N ILE A 116 -21.75 -7.60 6.94
CA ILE A 116 -21.79 -6.30 7.60
C ILE A 116 -22.30 -6.42 9.03
N VAL A 117 -23.10 -7.46 9.29
CA VAL A 117 -23.65 -7.67 10.62
C VAL A 117 -22.54 -7.83 11.65
N SER A 118 -21.37 -8.31 11.21
CA SER A 118 -20.26 -8.52 12.12
C SER A 118 -19.76 -7.17 12.65
N SER A 119 -19.70 -6.18 11.77
CA SER A 119 -19.24 -4.86 12.17
C SER A 119 -20.29 -4.17 13.04
N VAL A 120 -21.56 -4.35 12.70
CA VAL A 120 -22.62 -3.73 13.48
C VAL A 120 -22.64 -4.33 14.89
N ARG A 121 -22.56 -5.65 14.98
CA ARG A 121 -22.55 -6.33 16.27
C ARG A 121 -21.37 -5.88 17.12
N ASP A 122 -20.20 -5.81 16.49
CA ASP A 122 -19.00 -5.42 17.22
C ASP A 122 -19.00 -3.94 17.62
N THR A 123 -19.58 -3.09 16.78
CA THR A 123 -19.61 -1.67 17.10
C THR A 123 -20.63 -1.38 18.20
N ARG A 124 -21.71 -2.16 18.22
CA ARG A 124 -22.72 -1.98 19.26
C ARG A 124 -22.20 -2.44 20.62
N ALA A 125 -21.42 -3.51 20.63
CA ALA A 125 -20.91 -4.08 21.86
C ALA A 125 -19.79 -3.30 22.56
N LEU A 126 -19.04 -2.52 21.79
CA LEU A 126 -17.93 -1.77 22.37
C LEU A 126 -18.29 -0.38 22.92
N SER A 127 -17.70 -0.05 24.06
CA SER A 127 -17.96 1.26 24.70
C SER A 127 -17.32 2.39 23.89
N ASP A 128 -17.70 3.63 24.19
CA ASP A 128 -17.14 4.79 23.51
C ASP A 128 -15.62 4.75 23.55
N GLU A 129 -15.06 4.54 24.75
CA GLU A 129 -13.61 4.49 24.94
C GLU A 129 -12.91 3.46 24.07
N VAL A 130 -13.44 2.26 24.08
CA VAL A 130 -12.85 1.18 23.31
C VAL A 130 -12.91 1.43 21.82
N LEU A 131 -13.96 2.10 21.37
CA LEU A 131 -14.07 2.41 19.95
C LEU A 131 -13.03 3.47 19.61
N VAL A 132 -12.84 4.41 20.54
CA VAL A 132 -11.84 5.45 20.33
C VAL A 132 -10.48 4.78 20.18
N ALA A 133 -10.18 3.88 21.11
CA ALA A 133 -8.89 3.16 21.10
C ALA A 133 -8.65 2.33 19.84
N GLN A 134 -9.68 1.64 19.35
CA GLN A 134 -9.55 0.82 18.15
C GLN A 134 -9.40 1.66 16.88
N ALA A 135 -9.83 2.92 16.96
CA ALA A 135 -9.72 3.83 15.82
C ALA A 135 -8.38 4.55 15.75
N LEU A 136 -7.78 4.81 16.90
CA LEU A 136 -6.52 5.53 16.95
C LEU A 136 -5.43 5.04 15.99
N PRO A 137 -5.21 3.72 15.89
CA PRO A 137 -4.17 3.21 14.98
C PRO A 137 -4.47 3.54 13.52
N ARG A 138 -5.75 3.50 13.15
CA ARG A 138 -6.12 3.82 11.77
C ARG A 138 -5.91 5.32 11.55
N LEU A 139 -6.37 6.12 12.50
CA LEU A 139 -6.20 7.56 12.41
C LEU A 139 -4.70 7.90 12.33
N ASP A 140 -3.90 7.32 13.23
CA ASP A 140 -2.47 7.60 13.23
C ASP A 140 -1.75 7.21 11.95
N THR A 141 -2.20 6.14 11.30
CA THR A 141 -1.55 5.72 10.07
C THR A 141 -1.78 6.80 9.02
N LEU A 142 -2.99 7.34 8.97
CA LEU A 142 -3.31 8.39 8.02
C LEU A 142 -2.53 9.67 8.36
N LEU A 143 -2.49 10.02 9.64
CA LEU A 143 -1.79 11.23 10.07
C LEU A 143 -0.30 11.14 9.73
N SER A 144 0.24 9.93 9.78
CA SER A 144 1.65 9.73 9.48
C SER A 144 1.95 10.02 8.01
N GLU A 145 0.91 10.12 7.19
CA GLU A 145 1.04 10.39 5.76
C GLU A 145 0.77 11.85 5.39
N GLY A 146 0.70 12.72 6.38
CA GLY A 146 0.47 14.12 6.09
C GLY A 146 -0.99 14.52 6.05
N VAL A 147 -1.87 13.55 6.30
CA VAL A 147 -3.30 13.83 6.31
C VAL A 147 -3.62 14.65 7.56
N SER A 148 -4.38 15.73 7.42
CA SER A 148 -4.72 16.54 8.59
C SER A 148 -6.22 16.80 8.73
N THR A 149 -7.01 16.41 7.73
CA THR A 149 -8.47 16.58 7.77
C THR A 149 -9.09 15.26 7.35
N ILE A 150 -9.90 14.68 8.22
CA ILE A 150 -10.51 13.41 7.92
C ILE A 150 -12.01 13.43 8.21
N GLU A 151 -12.78 12.85 7.31
CA GLU A 151 -14.22 12.77 7.47
C GLU A 151 -14.51 11.38 8.03
N ILE A 152 -15.38 11.29 9.03
CA ILE A 152 -15.74 10.02 9.65
C ILE A 152 -17.26 9.85 9.67
N LYS A 153 -17.73 8.71 9.18
CA LYS A 153 -19.16 8.42 9.11
C LYS A 153 -19.62 7.50 10.24
N SER A 154 -20.92 7.49 10.49
CA SER A 154 -21.49 6.58 11.48
C SER A 154 -21.93 5.46 10.53
N GLY A 155 -23.01 4.75 10.83
CA GLY A 155 -23.43 3.72 9.90
C GLY A 155 -23.18 2.26 10.26
N TYR A 156 -22.61 2.01 11.44
CA TYR A 156 -22.38 0.62 11.88
C TYR A 156 -23.14 0.37 13.17
N GLY A 157 -24.14 1.21 13.44
CA GLY A 157 -24.94 1.05 14.63
C GLY A 157 -26.34 0.56 14.27
N LEU A 158 -26.98 1.26 13.35
CA LEU A 158 -28.31 0.91 12.89
C LEU A 158 -29.41 1.01 13.93
N ASP A 159 -29.13 1.79 14.97
CA ASP A 159 -30.08 2.10 16.02
C ASP A 159 -29.59 3.46 16.50
N ILE A 160 -30.49 4.29 17.01
CA ILE A 160 -30.11 5.63 17.44
C ILE A 160 -28.90 5.72 18.38
N GLU A 161 -28.94 4.96 19.47
CA GLU A 161 -27.85 5.02 20.44
C GLU A 161 -26.46 4.70 19.91
N THR A 162 -26.34 3.66 19.10
CA THR A 162 -25.02 3.31 18.56
C THR A 162 -24.58 4.29 17.48
N GLU A 163 -25.53 4.79 16.69
CA GLU A 163 -25.19 5.76 15.64
C GLU A 163 -24.63 7.03 16.29
N LEU A 164 -25.28 7.48 17.37
CA LEU A 164 -24.83 8.66 18.07
C LEU A 164 -23.49 8.38 18.74
N LYS A 165 -23.33 7.17 19.27
CA LYS A 165 -22.08 6.81 19.92
C LYS A 165 -20.93 6.96 18.92
N MET A 166 -21.16 6.55 17.68
CA MET A 166 -20.12 6.63 16.66
C MET A 166 -19.69 8.08 16.40
N LEU A 167 -20.66 8.98 16.35
CA LEU A 167 -20.37 10.39 16.12
C LEU A 167 -19.58 10.97 17.30
N ARG A 168 -19.95 10.58 18.51
CA ARG A 168 -19.24 11.08 19.70
C ARG A 168 -17.80 10.59 19.66
N VAL A 169 -17.61 9.33 19.26
CA VAL A 169 -16.28 8.78 19.17
C VAL A 169 -15.45 9.61 18.20
N ALA A 170 -16.05 9.96 17.05
CA ALA A 170 -15.36 10.74 16.04
C ALA A 170 -14.95 12.10 16.59
N ARG A 171 -15.88 12.74 17.30
CA ARG A 171 -15.59 14.05 17.89
C ARG A 171 -14.44 13.95 18.89
N ARG A 172 -14.46 12.92 19.71
CA ARG A 172 -13.44 12.72 20.73
C ARG A 172 -12.05 12.52 20.13
N LEU A 173 -11.98 11.87 18.97
CA LEU A 173 -10.70 11.62 18.32
C LEU A 173 -9.99 12.94 18.01
N GLU A 174 -10.78 13.97 17.70
CA GLU A 174 -10.23 15.26 17.37
C GLU A 174 -9.58 15.92 18.59
N THR A 175 -9.92 15.45 19.79
CA THR A 175 -9.37 16.01 21.01
C THR A 175 -8.09 15.31 21.46
N LEU A 176 -7.75 14.22 20.77
CA LEU A 176 -6.56 13.44 21.12
C LEU A 176 -5.39 13.55 20.13
N ARG A 177 -5.65 14.17 18.99
CA ARG A 177 -4.61 14.33 17.96
C ARG A 177 -4.81 15.66 17.23
N PRO A 178 -3.73 16.18 16.63
CA PRO A 178 -3.77 17.44 15.88
C PRO A 178 -4.41 17.11 14.53
N VAL A 179 -5.74 17.14 14.48
CA VAL A 179 -6.43 16.81 13.24
C VAL A 179 -7.80 17.47 13.20
N ARG A 180 -8.26 17.80 11.99
CA ARG A 180 -9.56 18.40 11.78
C ARG A 180 -10.49 17.28 11.35
N ILE A 181 -11.54 17.04 12.12
CA ILE A 181 -12.46 15.95 11.81
C ILE A 181 -13.87 16.46 11.56
N VAL A 182 -14.48 15.97 10.48
CA VAL A 182 -15.86 16.31 10.13
C VAL A 182 -16.62 14.99 10.14
N THR A 183 -17.85 15.04 10.64
CA THR A 183 -18.68 13.85 10.77
C THR A 183 -19.86 13.82 9.81
N SER A 184 -20.31 12.61 9.49
CA SER A 184 -21.45 12.42 8.61
C SER A 184 -22.38 11.37 9.21
N TYR A 185 -23.63 11.75 9.40
CA TYR A 185 -24.65 10.87 9.95
C TYR A 185 -25.05 9.86 8.88
N LEU A 186 -24.68 8.60 9.06
CA LEU A 186 -24.99 7.59 8.05
C LEU A 186 -25.87 6.45 8.56
N ALA A 187 -26.94 6.79 9.28
CA ALA A 187 -27.82 5.76 9.78
C ALA A 187 -28.48 5.06 8.59
N ALA A 188 -28.61 5.79 7.49
CA ALA A 188 -29.21 5.23 6.27
C ALA A 188 -28.15 4.48 5.46
N HIS A 189 -27.48 3.54 6.12
CA HIS A 189 -26.43 2.73 5.50
C HIS A 189 -27.02 1.40 5.05
N ALA A 190 -27.82 0.80 5.92
CA ALA A 190 -28.50 -0.46 5.63
C ALA A 190 -29.48 -0.70 6.78
N THR A 191 -30.31 -1.73 6.64
CA THR A 191 -31.28 -2.05 7.68
C THR A 191 -30.75 -3.20 8.54
N PRO A 192 -30.98 -3.15 9.86
CA PRO A 192 -30.51 -4.23 10.74
C PRO A 192 -31.43 -5.43 10.58
N ALA A 193 -31.07 -6.54 11.20
CA ALA A 193 -31.85 -7.77 11.10
C ALA A 193 -33.33 -7.57 11.37
N ASP A 194 -33.70 -6.83 12.40
CA ASP A 194 -35.12 -6.67 12.70
C ASP A 194 -35.90 -5.71 11.81
N TYR A 195 -35.21 -5.06 10.88
CA TYR A 195 -35.88 -4.13 9.96
C TYR A 195 -35.80 -4.57 8.50
N LYS A 196 -35.33 -5.79 8.25
CA LYS A 196 -35.22 -6.27 6.87
C LYS A 196 -36.62 -6.31 6.23
N GLY A 197 -36.74 -5.68 5.07
CA GLY A 197 -38.02 -5.66 4.41
C GLY A 197 -38.85 -4.48 4.90
N ARG A 198 -38.30 -3.72 5.84
CA ARG A 198 -38.99 -2.55 6.40
C ARG A 198 -38.16 -1.27 6.32
N ASN A 199 -37.62 -0.98 5.13
CA ASN A 199 -36.84 0.24 4.95
C ASN A 199 -37.60 1.48 5.44
N ALA A 200 -38.89 1.55 5.14
CA ALA A 200 -39.70 2.68 5.55
C ALA A 200 -39.68 2.88 7.05
N ASP A 201 -40.07 1.85 7.81
CA ASP A 201 -40.10 1.93 9.26
C ASP A 201 -38.73 2.22 9.85
N TYR A 202 -37.68 1.71 9.20
CA TYR A 202 -36.33 1.93 9.68
C TYR A 202 -36.02 3.44 9.64
N ILE A 203 -36.35 4.05 8.51
CA ILE A 203 -36.13 5.49 8.34
C ILE A 203 -37.02 6.26 9.31
N THR A 204 -38.25 5.80 9.46
CA THR A 204 -39.21 6.42 10.37
C THR A 204 -38.82 6.30 11.84
N ASP A 205 -38.28 5.14 12.22
CA ASP A 205 -37.93 4.87 13.62
C ASP A 205 -36.51 5.18 14.07
N VAL A 206 -35.55 5.00 13.17
CA VAL A 206 -34.15 5.21 13.53
C VAL A 206 -33.46 6.38 12.84
N VAL A 207 -33.49 6.39 11.52
CA VAL A 207 -32.81 7.45 10.76
C VAL A 207 -33.31 8.86 11.06
N LEU A 208 -34.60 9.12 10.88
CA LEU A 208 -35.14 10.45 11.11
C LEU A 208 -35.07 10.89 12.59
N PRO A 209 -35.51 10.04 13.52
CA PRO A 209 -35.42 10.49 14.91
C PRO A 209 -33.96 10.65 15.30
N GLY A 210 -33.13 9.76 14.78
CA GLY A 210 -31.71 9.80 15.07
C GLY A 210 -31.05 11.07 14.56
N LEU A 211 -31.48 11.52 13.38
CA LEU A 211 -30.94 12.74 12.80
C LEU A 211 -31.27 13.92 13.70
N GLU A 212 -32.52 13.95 14.17
CA GLU A 212 -32.99 15.02 15.05
C GLU A 212 -32.11 15.09 16.29
N LYS A 213 -31.90 13.96 16.94
CA LYS A 213 -31.08 13.91 18.15
C LYS A 213 -29.62 14.26 17.88
N ALA A 214 -29.10 13.79 16.75
CA ALA A 214 -27.72 14.05 16.38
C ALA A 214 -27.51 15.55 16.19
N HIS A 215 -28.46 16.19 15.52
CA HIS A 215 -28.39 17.61 15.26
C HIS A 215 -28.53 18.41 16.56
N ALA A 216 -29.43 17.96 17.42
CA ALA A 216 -29.65 18.63 18.70
C ALA A 216 -28.38 18.64 19.54
N GLU A 217 -27.55 17.61 19.38
CA GLU A 217 -26.32 17.50 20.14
C GLU A 217 -25.09 17.99 19.36
N GLY A 218 -25.33 18.53 18.17
CA GLY A 218 -24.25 19.04 17.34
C GLY A 218 -23.22 17.99 16.95
N LEU A 219 -23.66 16.76 16.78
CA LEU A 219 -22.77 15.65 16.42
C LEU A 219 -22.60 15.37 14.93
N ALA A 220 -23.45 15.96 14.10
CA ALA A 220 -23.39 15.70 12.66
C ALA A 220 -23.12 16.92 11.79
N ASP A 221 -22.02 16.87 11.03
CA ASP A 221 -21.69 17.99 10.15
C ASP A 221 -22.42 17.85 8.82
N ALA A 222 -22.81 16.62 8.50
CA ALA A 222 -23.54 16.33 7.25
C ALA A 222 -24.35 15.04 7.38
N VAL A 223 -25.18 14.77 6.39
CA VAL A 223 -26.01 13.57 6.37
C VAL A 223 -25.68 12.76 5.13
N ASP A 224 -25.36 11.49 5.35
CA ASP A 224 -24.97 10.54 4.30
C ASP A 224 -26.10 9.55 4.02
N GLY A 225 -25.86 8.62 3.09
CA GLY A 225 -26.85 7.63 2.74
C GLY A 225 -26.28 6.66 1.74
N PHE A 226 -26.93 5.51 1.59
CA PHE A 226 -26.50 4.49 0.66
C PHE A 226 -27.69 4.14 -0.23
N CYS A 227 -27.66 4.69 -1.44
CA CYS A 227 -28.70 4.50 -2.42
C CYS A 227 -28.23 3.35 -3.31
N GLU A 228 -28.78 2.17 -3.07
CA GLU A 228 -28.36 1.01 -3.84
C GLU A 228 -29.39 -0.11 -3.72
N GLY A 229 -29.31 -1.07 -4.64
CA GLY A 229 -30.24 -2.17 -4.63
C GLY A 229 -30.26 -2.91 -3.31
N ILE A 230 -29.07 -3.15 -2.74
CA ILE A 230 -28.94 -3.85 -1.47
C ILE A 230 -29.15 -2.91 -0.28
N ALA A 231 -29.59 -1.69 -0.56
CA ALA A 231 -29.80 -0.71 0.51
C ALA A 231 -31.08 0.08 0.28
N PHE A 232 -30.97 1.41 0.26
CA PHE A 232 -32.13 2.27 0.09
C PHE A 232 -32.34 2.79 -1.34
N SER A 233 -33.60 2.99 -1.70
CA SER A 233 -33.97 3.47 -3.02
C SER A 233 -33.86 4.99 -3.08
N VAL A 234 -34.10 5.55 -4.26
CA VAL A 234 -34.03 6.99 -4.43
C VAL A 234 -35.13 7.68 -3.60
N LYS A 235 -36.34 7.11 -3.64
CA LYS A 235 -37.46 7.68 -2.89
C LYS A 235 -37.21 7.67 -1.37
N GLU A 236 -36.57 6.62 -0.89
CA GLU A 236 -36.30 6.50 0.54
C GLU A 236 -35.22 7.48 0.98
N ILE A 237 -34.14 7.57 0.20
CA ILE A 237 -33.07 8.51 0.54
C ILE A 237 -33.62 9.93 0.50
N ASP A 238 -34.56 10.18 -0.41
CA ASP A 238 -35.16 11.51 -0.52
C ASP A 238 -35.79 11.93 0.81
N ARG A 239 -36.43 11.01 1.50
CA ARG A 239 -37.05 11.32 2.80
C ARG A 239 -35.99 11.83 3.75
N VAL A 240 -34.84 11.16 3.73
CA VAL A 240 -33.72 11.51 4.60
C VAL A 240 -33.11 12.84 4.24
N PHE A 241 -32.92 13.09 2.94
CA PHE A 241 -32.34 14.35 2.50
C PHE A 241 -33.28 15.51 2.77
N ALA A 242 -34.58 15.29 2.57
CA ALA A 242 -35.57 16.32 2.83
C ALA A 242 -35.44 16.74 4.30
N ALA A 243 -35.33 15.76 5.18
CA ALA A 243 -35.19 16.02 6.61
C ALA A 243 -33.88 16.74 6.92
N ALA A 244 -32.80 16.36 6.26
CA ALA A 244 -31.51 17.00 6.49
C ALA A 244 -31.59 18.48 6.11
N GLN A 245 -32.23 18.76 4.98
CA GLN A 245 -32.36 20.12 4.51
C GLN A 245 -33.12 21.02 5.49
N GLN A 246 -34.20 20.50 6.07
CA GLN A 246 -34.97 21.31 7.02
C GLN A 246 -34.19 21.65 8.28
N ARG A 247 -33.14 20.88 8.58
CA ARG A 247 -32.35 21.16 9.78
C ARG A 247 -31.07 21.91 9.39
N GLY A 248 -30.94 22.24 8.12
CA GLY A 248 -29.80 22.99 7.66
C GLY A 248 -28.48 22.22 7.52
N LEU A 249 -28.58 20.90 7.43
CA LEU A 249 -27.36 20.09 7.29
C LEU A 249 -27.13 19.68 5.84
N PRO A 250 -25.88 19.78 5.37
CA PRO A 250 -25.54 19.41 3.98
C PRO A 250 -25.60 17.89 3.83
N VAL A 251 -25.81 17.42 2.60
CA VAL A 251 -25.88 15.98 2.36
C VAL A 251 -24.84 15.47 1.38
N LYS A 252 -24.66 14.15 1.38
CA LYS A 252 -23.73 13.48 0.48
C LYS A 252 -24.31 12.09 0.29
N LEU A 253 -23.80 11.34 -0.67
CA LEU A 253 -24.37 10.03 -0.95
C LEU A 253 -23.43 9.00 -1.55
N HIS A 254 -23.57 7.75 -1.08
CA HIS A 254 -22.82 6.63 -1.64
C HIS A 254 -23.74 6.32 -2.81
N ALA A 255 -23.34 6.66 -4.04
CA ALA A 255 -24.20 6.45 -5.20
C ALA A 255 -23.59 5.69 -6.37
N GLU A 256 -24.44 4.95 -7.07
CA GLU A 256 -24.06 4.17 -8.26
C GLU A 256 -22.87 3.24 -8.05
N GLN A 257 -22.71 2.69 -6.86
CA GLN A 257 -21.58 1.80 -6.64
C GLN A 257 -21.73 0.44 -7.31
N LEU A 258 -22.92 -0.15 -7.23
CA LEU A 258 -23.15 -1.47 -7.80
C LEU A 258 -24.13 -1.52 -8.96
N SER A 259 -24.86 -0.43 -9.15
CA SER A 259 -25.85 -0.36 -10.21
C SER A 259 -26.19 1.11 -10.46
N ASN A 260 -26.94 1.37 -11.50
CA ASN A 260 -27.33 2.73 -11.84
C ASN A 260 -28.79 2.97 -11.45
N LEU A 261 -29.01 3.66 -10.33
CA LEU A 261 -30.36 3.94 -9.86
C LEU A 261 -30.70 5.42 -9.94
N GLY A 262 -29.71 6.27 -10.18
CA GLY A 262 -29.97 7.69 -10.25
C GLY A 262 -29.74 8.38 -8.90
N GLY A 263 -28.94 7.74 -8.05
CA GLY A 263 -28.63 8.31 -6.76
C GLY A 263 -27.84 9.60 -6.91
N ALA A 264 -26.89 9.60 -7.85
CA ALA A 264 -26.07 10.78 -8.09
C ALA A 264 -26.92 12.01 -8.46
N GLU A 265 -27.94 11.80 -9.28
CA GLU A 265 -28.82 12.90 -9.67
C GLU A 265 -29.61 13.41 -8.47
N LEU A 266 -30.07 12.49 -7.63
CA LEU A 266 -30.83 12.87 -6.44
C LEU A 266 -29.92 13.72 -5.56
N ALA A 267 -28.67 13.27 -5.41
CA ALA A 267 -27.72 13.99 -4.58
C ALA A 267 -27.50 15.41 -5.12
N ALA A 268 -27.36 15.51 -6.43
CA ALA A 268 -27.15 16.81 -7.07
C ALA A 268 -28.34 17.75 -6.88
N SER A 269 -29.55 17.20 -6.89
CA SER A 269 -30.76 18.02 -6.72
C SER A 269 -30.81 18.68 -5.35
N TYR A 270 -30.04 18.14 -4.42
CA TYR A 270 -29.97 18.67 -3.05
C TYR A 270 -28.67 19.42 -2.80
N ASN A 271 -27.96 19.74 -3.88
CA ASN A 271 -26.69 20.45 -3.79
C ASN A 271 -25.75 19.66 -2.88
N ALA A 272 -25.74 18.34 -3.05
CA ALA A 272 -24.89 17.49 -2.24
C ALA A 272 -23.44 17.94 -2.26
N LEU A 273 -22.77 17.78 -1.13
CA LEU A 273 -21.36 18.13 -1.06
C LEU A 273 -20.65 17.23 -2.04
N SER A 274 -21.05 15.95 -2.04
CA SER A 274 -20.44 14.97 -2.93
C SER A 274 -21.34 13.75 -3.15
N ALA A 275 -20.99 12.99 -4.19
CA ALA A 275 -21.65 11.74 -4.56
C ALA A 275 -20.41 10.83 -4.58
N ASP A 276 -20.47 9.69 -3.90
CA ASP A 276 -19.31 8.81 -3.78
C ASP A 276 -19.45 7.39 -4.35
N HIS A 277 -18.37 6.91 -4.97
CA HIS A 277 -18.21 5.60 -5.62
C HIS A 277 -18.44 5.79 -7.12
N LEU A 278 -19.71 5.87 -7.52
CA LEU A 278 -20.05 6.15 -8.91
C LEU A 278 -19.58 5.23 -10.04
N GLU A 279 -19.22 3.99 -9.74
CA GLU A 279 -18.77 3.10 -10.81
C GLU A 279 -19.79 3.01 -11.96
N TYR A 280 -21.07 2.96 -11.61
CA TYR A 280 -22.13 2.84 -12.60
C TYR A 280 -22.80 4.14 -13.04
N LEU A 281 -22.13 5.26 -12.79
CA LEU A 281 -22.68 6.55 -13.18
C LEU A 281 -22.69 6.70 -14.70
N ASP A 282 -23.78 7.24 -15.24
CA ASP A 282 -23.86 7.46 -16.67
C ASP A 282 -23.63 8.93 -17.00
N GLU A 283 -23.68 9.26 -18.29
CA GLU A 283 -23.45 10.62 -18.74
C GLU A 283 -24.37 11.63 -18.10
N THR A 284 -25.66 11.31 -18.08
CA THR A 284 -26.68 12.18 -17.48
C THR A 284 -26.27 12.52 -16.06
N GLY A 285 -25.91 11.49 -15.29
CA GLY A 285 -25.49 11.69 -13.92
C GLY A 285 -24.23 12.54 -13.77
N ALA A 286 -23.25 12.31 -14.63
CA ALA A 286 -22.01 13.07 -14.56
C ALA A 286 -22.28 14.56 -14.78
N LYS A 287 -23.12 14.87 -15.76
CA LYS A 287 -23.48 16.25 -16.05
C LYS A 287 -24.28 16.87 -14.91
N ALA A 288 -25.12 16.07 -14.26
CA ALA A 288 -25.92 16.55 -13.14
C ALA A 288 -25.03 16.95 -11.96
N LEU A 289 -23.97 16.18 -11.72
CA LEU A 289 -23.06 16.50 -10.64
C LEU A 289 -22.33 17.81 -10.94
N ALA A 290 -21.85 17.94 -12.18
CA ALA A 290 -21.14 19.14 -12.60
C ALA A 290 -22.02 20.38 -12.47
N LYS A 291 -23.23 20.29 -12.98
CA LYS A 291 -24.17 21.40 -12.93
C LYS A 291 -24.47 21.84 -11.50
N ALA A 292 -24.56 20.88 -10.59
CA ALA A 292 -24.86 21.19 -9.19
C ALA A 292 -23.64 21.56 -8.35
N GLY A 293 -22.44 21.29 -8.88
CA GLY A 293 -21.25 21.60 -8.11
C GLY A 293 -20.95 20.52 -7.09
N THR A 294 -21.54 19.35 -7.26
CA THR A 294 -21.31 18.23 -6.35
C THR A 294 -20.03 17.52 -6.77
N VAL A 295 -19.12 17.33 -5.81
CA VAL A 295 -17.85 16.66 -6.09
C VAL A 295 -18.04 15.17 -6.29
N ALA A 296 -17.30 14.61 -7.24
CA ALA A 296 -17.37 13.18 -7.53
C ALA A 296 -16.22 12.52 -6.77
N VAL A 297 -16.56 11.76 -5.74
CA VAL A 297 -15.56 11.08 -4.93
C VAL A 297 -15.37 9.63 -5.39
N LEU A 298 -14.22 9.34 -5.98
CA LEU A 298 -13.94 8.00 -6.45
C LEU A 298 -13.19 7.24 -5.35
N LEU A 299 -13.53 5.97 -5.18
CA LEU A 299 -12.93 5.17 -4.12
C LEU A 299 -12.31 3.88 -4.64
N PRO A 300 -11.03 3.96 -5.05
CA PRO A 300 -10.31 2.80 -5.59
C PRO A 300 -10.13 1.61 -4.65
N GLY A 301 -10.06 1.87 -3.34
CA GLY A 301 -9.89 0.78 -2.38
C GLY A 301 -10.99 -0.27 -2.49
N ALA A 302 -12.24 0.18 -2.47
CA ALA A 302 -13.38 -0.71 -2.54
C ALA A 302 -13.41 -1.36 -3.92
N PHE A 303 -13.09 -0.58 -4.94
CA PHE A 303 -13.05 -1.08 -6.32
C PHE A 303 -12.06 -2.25 -6.41
N TYR A 304 -10.88 -2.03 -5.88
CA TYR A 304 -9.80 -3.02 -5.86
C TYR A 304 -10.18 -4.27 -5.07
N ALA A 305 -10.53 -4.07 -3.79
CA ALA A 305 -10.89 -5.17 -2.91
C ALA A 305 -12.08 -6.00 -3.38
N LEU A 306 -13.07 -5.36 -3.97
CA LEU A 306 -14.26 -6.07 -4.44
C LEU A 306 -14.05 -6.71 -5.82
N ARG A 307 -12.94 -6.39 -6.47
CA ARG A 307 -12.65 -6.96 -7.78
C ARG A 307 -13.70 -6.49 -8.77
N GLU A 308 -14.07 -5.23 -8.64
CA GLU A 308 -15.07 -4.61 -9.49
C GLU A 308 -14.60 -4.55 -10.94
N LYS A 309 -15.52 -4.80 -11.86
CA LYS A 309 -15.20 -4.77 -13.28
C LYS A 309 -15.65 -3.47 -13.94
N GLN A 310 -16.65 -2.82 -13.36
CA GLN A 310 -17.16 -1.56 -13.91
C GLN A 310 -16.38 -0.35 -13.40
N LEU A 311 -15.67 0.31 -14.32
CA LEU A 311 -14.88 1.49 -13.98
C LEU A 311 -15.77 2.72 -13.96
N PRO A 312 -15.50 3.66 -13.04
CA PRO A 312 -16.35 4.85 -13.02
C PRO A 312 -16.03 5.63 -14.30
N PRO A 313 -16.98 6.44 -14.79
CA PRO A 313 -16.79 7.22 -16.01
C PRO A 313 -15.88 8.43 -15.83
N VAL A 314 -14.58 8.17 -15.70
CA VAL A 314 -13.63 9.24 -15.51
C VAL A 314 -13.66 10.29 -16.60
N GLN A 315 -13.69 9.86 -17.86
CA GLN A 315 -13.72 10.80 -18.96
C GLN A 315 -15.01 11.63 -19.01
N ALA A 316 -16.15 10.97 -18.77
CA ALA A 316 -17.43 11.67 -18.77
C ALA A 316 -17.40 12.76 -17.70
N LEU A 317 -16.74 12.47 -16.58
CA LEU A 317 -16.64 13.45 -15.50
C LEU A 317 -15.77 14.63 -15.95
N ARG A 318 -14.66 14.33 -16.60
CA ARG A 318 -13.77 15.37 -17.10
C ARG A 318 -14.50 16.27 -18.09
N ASP A 319 -15.18 15.64 -19.05
CA ASP A 319 -15.89 16.36 -20.10
C ASP A 319 -17.05 17.22 -19.60
N ALA A 320 -17.73 16.73 -18.57
CA ALA A 320 -18.86 17.46 -17.99
C ALA A 320 -18.35 18.56 -17.08
N GLY A 321 -17.07 18.49 -16.74
CA GLY A 321 -16.49 19.50 -15.88
C GLY A 321 -16.72 19.21 -14.42
N ALA A 322 -16.88 17.95 -14.07
CA ALA A 322 -17.09 17.58 -12.67
C ALA A 322 -15.75 17.45 -11.98
N GLU A 323 -15.68 17.86 -10.73
CA GLU A 323 -14.45 17.79 -9.96
C GLU A 323 -14.36 16.42 -9.29
N ILE A 324 -13.20 15.80 -9.41
CA ILE A 324 -12.97 14.48 -8.85
C ILE A 324 -12.10 14.50 -7.59
N ALA A 325 -12.52 13.75 -6.60
CA ALA A 325 -11.79 13.63 -5.34
C ALA A 325 -11.49 12.16 -5.14
N LEU A 326 -10.48 11.86 -4.33
CA LEU A 326 -10.09 10.48 -4.03
C LEU A 326 -10.03 10.30 -2.52
N ALA A 327 -10.56 9.19 -2.01
CA ALA A 327 -10.53 8.92 -0.58
C ALA A 327 -10.28 7.43 -0.33
N THR A 328 -9.89 7.08 0.90
CA THR A 328 -9.61 5.69 1.25
C THR A 328 -10.86 4.84 1.47
N ASP A 329 -11.95 5.47 1.88
CA ASP A 329 -13.18 4.74 2.19
C ASP A 329 -12.82 3.72 3.28
N CYS A 330 -11.85 4.09 4.11
CA CYS A 330 -11.38 3.24 5.20
C CYS A 330 -12.54 2.60 5.96
N ASN A 331 -12.73 1.31 5.77
CA ASN A 331 -13.81 0.60 6.46
C ASN A 331 -13.40 -0.87 6.64
N PRO A 332 -14.09 -1.60 7.52
CA PRO A 332 -13.75 -3.01 7.79
C PRO A 332 -14.08 -4.08 6.75
N GLY A 333 -15.11 -3.84 5.95
CA GLY A 333 -15.50 -4.87 5.01
C GLY A 333 -15.21 -4.77 3.52
N THR A 334 -15.27 -3.58 2.95
CA THR A 334 -15.03 -3.46 1.52
C THR A 334 -13.78 -2.70 1.14
N SER A 335 -13.16 -2.03 2.11
CA SER A 335 -11.98 -1.24 1.80
C SER A 335 -11.15 -0.95 3.06
N PRO A 336 -10.51 -1.98 3.64
CA PRO A 336 -9.70 -1.78 4.84
C PRO A 336 -8.37 -1.13 4.46
N LEU A 337 -8.48 0.07 3.89
CA LEU A 337 -7.35 0.83 3.41
C LEU A 337 -7.04 2.02 4.32
N THR A 338 -5.77 2.16 4.70
CA THR A 338 -5.38 3.26 5.58
C THR A 338 -4.22 4.10 5.05
N SER A 339 -4.09 4.15 3.73
CA SER A 339 -3.04 4.94 3.10
C SER A 339 -3.68 5.78 1.98
N LEU A 340 -3.63 7.10 2.13
CA LEU A 340 -4.19 7.99 1.13
C LEU A 340 -3.17 8.16 0.01
N LEU A 341 -1.89 7.95 0.34
CA LEU A 341 -0.83 8.02 -0.65
C LEU A 341 -1.03 6.87 -1.63
N LEU A 342 -1.30 5.69 -1.08
CA LEU A 342 -1.56 4.51 -1.89
C LEU A 342 -2.84 4.77 -2.69
N THR A 343 -3.79 5.46 -2.06
CA THR A 343 -5.05 5.78 -2.71
C THR A 343 -4.79 6.57 -3.99
N MET A 344 -3.86 7.52 -3.95
CA MET A 344 -3.57 8.29 -5.15
C MET A 344 -2.94 7.40 -6.21
N ASN A 345 -2.06 6.49 -5.81
CA ASN A 345 -1.42 5.60 -6.76
C ASN A 345 -2.45 4.70 -7.44
N MET A 346 -3.45 4.27 -6.68
CA MET A 346 -4.50 3.42 -7.24
C MET A 346 -5.38 4.26 -8.17
N GLY A 347 -5.56 5.53 -7.82
CA GLY A 347 -6.37 6.40 -8.65
C GLY A 347 -5.74 6.50 -10.03
N ALA A 348 -4.42 6.59 -10.06
CA ALA A 348 -3.69 6.68 -11.32
C ALA A 348 -3.64 5.32 -12.00
N THR A 349 -3.24 4.29 -11.26
CA THR A 349 -3.12 2.94 -11.81
C THR A 349 -4.43 2.30 -12.26
N LEU A 350 -5.44 2.32 -11.40
CA LEU A 350 -6.70 1.69 -11.71
C LEU A 350 -7.71 2.56 -12.49
N PHE A 351 -7.75 3.85 -12.20
CA PHE A 351 -8.68 4.74 -12.88
C PHE A 351 -8.04 5.64 -13.94
N ARG A 352 -6.73 5.49 -14.13
CA ARG A 352 -5.98 6.28 -15.11
C ARG A 352 -6.13 7.79 -14.90
N MET A 353 -6.16 8.22 -13.64
CA MET A 353 -6.24 9.65 -13.35
C MET A 353 -4.82 10.18 -13.45
N THR A 354 -4.66 11.38 -14.00
CA THR A 354 -3.33 11.97 -14.15
C THR A 354 -2.76 12.36 -12.80
N VAL A 355 -1.45 12.62 -12.76
CA VAL A 355 -0.80 13.02 -11.52
C VAL A 355 -1.45 14.29 -10.97
N GLU A 356 -1.74 15.25 -11.83
CA GLU A 356 -2.36 16.49 -11.37
C GLU A 356 -3.76 16.23 -10.79
N GLU A 357 -4.52 15.35 -11.42
CA GLU A 357 -5.86 15.03 -10.92
C GLU A 357 -5.78 14.34 -9.57
N CYS A 358 -4.80 13.45 -9.41
CA CYS A 358 -4.64 12.72 -8.16
C CYS A 358 -4.22 13.62 -7.00
N LEU A 359 -3.31 14.56 -7.27
CA LEU A 359 -2.86 15.48 -6.22
C LEU A 359 -3.98 16.42 -5.81
N THR A 360 -4.75 16.86 -6.80
CA THR A 360 -5.87 17.77 -6.58
C THR A 360 -7.01 17.04 -5.86
N ALA A 361 -7.15 15.76 -6.18
CA ALA A 361 -8.19 14.91 -5.61
C ALA A 361 -8.11 14.71 -4.09
N THR A 362 -6.93 14.90 -3.52
CA THR A 362 -6.75 14.72 -2.08
C THR A 362 -6.43 16.02 -1.36
N THR A 363 -6.51 17.14 -2.07
CA THR A 363 -6.25 18.43 -1.44
C THR A 363 -7.41 19.38 -1.69
N ARG A 364 -7.34 20.14 -2.77
CA ARG A 364 -8.40 21.10 -3.09
C ARG A 364 -9.78 20.48 -3.27
N ASN A 365 -9.89 19.47 -4.13
CA ASN A 365 -11.20 18.86 -4.34
C ASN A 365 -11.73 18.09 -3.13
N ALA A 366 -10.82 17.63 -2.27
CA ALA A 366 -11.23 16.90 -1.07
C ALA A 366 -11.83 17.90 -0.09
N ALA A 367 -11.19 19.07 0.02
CA ALA A 367 -11.67 20.12 0.92
C ALA A 367 -13.06 20.54 0.43
N LYS A 368 -13.21 20.66 -0.88
CA LYS A 368 -14.47 21.06 -1.46
C LYS A 368 -15.54 20.01 -1.17
N ALA A 369 -15.14 18.75 -1.25
CA ALA A 369 -16.06 17.64 -0.99
C ALA A 369 -16.64 17.72 0.43
N LEU A 370 -15.90 18.38 1.32
CA LEU A 370 -16.32 18.51 2.71
C LEU A 370 -16.87 19.90 3.03
N GLY A 371 -16.90 20.79 2.04
CA GLY A 371 -17.39 22.14 2.25
C GLY A 371 -16.43 22.97 3.08
N LEU A 372 -15.14 22.67 2.96
CA LEU A 372 -14.11 23.35 3.72
C LEU A 372 -13.08 24.06 2.87
N LEU A 373 -13.38 24.31 1.60
CA LEU A 373 -12.41 24.97 0.75
C LEU A 373 -12.00 26.37 1.21
N ALA A 374 -12.93 27.11 1.80
CA ALA A 374 -12.61 28.45 2.28
C ALA A 374 -11.74 28.39 3.52
N GLU A 375 -11.66 27.21 4.11
CA GLU A 375 -10.90 27.03 5.33
C GLU A 375 -9.53 26.35 5.17
N THR A 376 -9.43 25.41 4.23
CA THR A 376 -8.18 24.68 4.04
C THR A 376 -8.16 24.01 2.68
N GLY A 377 -7.12 23.21 2.42
CA GLY A 377 -7.03 22.51 1.15
C GLY A 377 -6.09 23.09 0.11
N THR A 378 -5.63 24.32 0.33
CA THR A 378 -4.70 24.96 -0.61
C THR A 378 -3.83 25.92 0.18
N LEU A 379 -2.65 26.21 -0.34
CA LEU A 379 -1.75 27.14 0.33
C LEU A 379 -2.07 28.52 -0.21
N GLU A 380 -3.10 29.12 0.38
CA GLU A 380 -3.55 30.46 0.00
C GLU A 380 -3.70 31.31 1.24
N ALA A 381 -3.44 32.61 1.09
CA ALA A 381 -3.54 33.54 2.21
C ALA A 381 -4.93 33.55 2.81
N GLY A 382 -4.99 33.61 4.12
CA GLY A 382 -6.26 33.62 4.80
C GLY A 382 -6.71 32.26 5.30
N LYS A 383 -6.23 31.19 4.67
CA LYS A 383 -6.61 29.84 5.08
C LYS A 383 -5.84 29.30 6.26
N SER A 384 -6.26 28.15 6.76
CA SER A 384 -5.58 27.51 7.88
C SER A 384 -4.22 27.03 7.40
N ALA A 385 -3.21 27.20 8.24
CA ALA A 385 -1.85 26.80 7.88
C ALA A 385 -1.66 25.30 8.03
N ASP A 386 -2.28 24.55 7.13
CA ASP A 386 -2.20 23.09 7.15
C ASP A 386 -1.40 22.62 5.95
N PHE A 387 -0.18 22.14 6.18
CA PHE A 387 0.62 21.67 5.04
C PHE A 387 1.58 20.54 5.37
N ALA A 388 1.98 19.82 4.32
CA ALA A 388 2.89 18.71 4.47
C ALA A 388 4.18 18.98 3.71
N ILE A 389 5.32 18.69 4.36
CA ILE A 389 6.62 18.88 3.76
C ILE A 389 7.10 17.48 3.38
N TRP A 390 7.51 17.30 2.13
CA TRP A 390 7.94 15.99 1.65
C TRP A 390 9.39 15.87 1.19
N ASP A 391 9.90 14.64 1.25
CA ASP A 391 11.25 14.33 0.82
C ASP A 391 11.15 13.75 -0.59
N ILE A 392 10.79 14.62 -1.54
CA ILE A 392 10.65 14.21 -2.93
C ILE A 392 11.34 15.25 -3.81
N GLU A 393 11.55 14.92 -5.08
CA GLU A 393 12.20 15.83 -6.02
C GLU A 393 11.12 16.40 -6.95
N ARG A 394 9.99 15.70 -7.00
CA ARG A 394 8.85 16.08 -7.84
C ARG A 394 7.54 15.59 -7.21
N PRO A 395 6.47 16.39 -7.30
CA PRO A 395 5.18 15.99 -6.74
C PRO A 395 4.70 14.64 -7.27
N ALA A 396 4.99 14.36 -8.53
CA ALA A 396 4.59 13.10 -9.14
C ALA A 396 4.98 11.89 -8.29
N GLU A 397 6.06 12.02 -7.54
CA GLU A 397 6.54 10.93 -6.69
C GLU A 397 5.49 10.45 -5.69
N LEU A 398 4.65 11.37 -5.23
CA LEU A 398 3.61 11.02 -4.25
C LEU A 398 2.53 10.12 -4.85
N VAL A 399 2.44 10.09 -6.17
CA VAL A 399 1.44 9.27 -6.85
C VAL A 399 2.09 8.02 -7.45
N TYR A 400 3.32 8.20 -7.89
CA TYR A 400 4.15 7.18 -8.52
C TYR A 400 4.53 5.96 -7.65
N ARG A 401 4.96 6.19 -6.42
CA ARG A 401 5.36 5.08 -5.56
C ARG A 401 4.20 4.27 -4.98
N ILE A 402 4.50 3.01 -4.65
CA ILE A 402 3.52 2.09 -4.10
C ILE A 402 3.98 1.62 -2.74
N GLY A 403 3.26 2.03 -1.70
CA GLY A 403 3.60 1.63 -0.35
C GLY A 403 4.86 2.26 0.21
N PHE A 404 4.97 3.57 0.03
CA PHE A 404 6.12 4.32 0.54
C PHE A 404 5.62 5.60 1.18
N ASN A 405 6.34 6.11 2.17
CA ASN A 405 5.94 7.34 2.85
C ASN A 405 7.11 8.31 2.95
N PRO A 406 7.17 9.27 2.03
CA PRO A 406 8.26 10.26 2.01
C PRO A 406 7.99 11.51 2.85
N LEU A 407 7.04 11.45 3.78
CA LEU A 407 6.74 12.62 4.60
C LEU A 407 7.91 13.06 5.46
N HIS A 408 8.19 14.37 5.44
CA HIS A 408 9.26 14.93 6.24
C HIS A 408 8.68 15.54 7.50
N ALA A 409 7.61 16.32 7.33
CA ALA A 409 6.97 16.95 8.48
C ALA A 409 5.53 17.36 8.16
N ARG A 410 4.69 17.33 9.19
CA ARG A 410 3.29 17.74 9.04
C ARG A 410 3.01 18.96 9.90
N ILE A 411 2.46 20.01 9.30
CA ILE A 411 2.12 21.24 10.01
C ILE A 411 0.60 21.36 10.06
N PHE A 412 0.05 21.48 11.26
CA PHE A 412 -1.40 21.61 11.42
C PHE A 412 -1.75 22.90 12.14
N LYS A 413 -2.46 23.78 11.45
CA LYS A 413 -2.84 25.06 12.02
C LYS A 413 -1.61 25.86 12.44
N GLY A 414 -0.59 25.84 11.59
CA GLY A 414 0.63 26.56 11.85
C GLY A 414 1.61 25.93 12.83
N GLN A 415 1.23 24.82 13.43
CA GLN A 415 2.09 24.14 14.40
C GLN A 415 2.71 22.86 13.87
N LYS A 416 4.02 22.72 14.03
CA LYS A 416 4.68 21.50 13.57
C LYS A 416 4.28 20.40 14.55
N VAL A 417 3.67 19.34 14.04
CA VAL A 417 3.27 18.25 14.92
C VAL A 417 4.20 17.07 14.76
N SER A 418 4.25 16.54 13.55
CA SER A 418 5.11 15.41 13.22
C SER A 418 6.37 15.96 12.55
N ALA B 15 24.68 -16.96 25.44
CA ALA B 15 23.52 -16.02 25.42
C ALA B 15 22.21 -16.77 25.18
N THR B 16 21.33 -16.77 26.18
CA THR B 16 20.04 -17.44 26.04
C THR B 16 18.88 -16.50 26.33
N ALA B 17 17.74 -16.75 25.71
CA ALA B 17 16.57 -15.91 25.91
C ALA B 17 15.31 -16.69 25.57
N LEU B 18 14.23 -16.38 26.28
CA LEU B 18 12.96 -17.02 26.08
C LEU B 18 11.86 -16.01 25.73
N TRP B 19 11.02 -16.38 24.77
CA TRP B 19 9.90 -15.55 24.38
C TRP B 19 8.71 -16.44 24.64
N ARG B 20 8.06 -16.25 25.78
CA ARG B 20 6.92 -17.09 26.14
C ARG B 20 5.57 -16.41 26.03
N ASN B 21 4.52 -17.19 26.28
CA ASN B 21 3.15 -16.70 26.20
C ASN B 21 2.89 -16.13 24.82
N ALA B 22 3.15 -16.92 23.80
CA ALA B 22 2.96 -16.49 22.43
C ALA B 22 2.21 -17.54 21.62
N GLN B 23 1.68 -17.10 20.49
CA GLN B 23 0.98 -17.98 19.55
C GLN B 23 1.94 -18.04 18.37
N LEU B 24 2.35 -19.23 17.98
CA LEU B 24 3.29 -19.35 16.88
C LEU B 24 2.72 -19.83 15.56
N ALA B 25 3.14 -19.20 14.49
CA ALA B 25 2.78 -19.61 13.14
C ALA B 25 4.18 -20.07 12.72
N THR B 26 4.51 -21.33 13.04
CA THR B 26 5.85 -21.85 12.74
C THR B 26 6.15 -22.05 11.27
N LEU B 27 5.10 -22.32 10.50
CA LEU B 27 5.23 -22.60 9.07
C LEU B 27 6.11 -23.82 8.86
N ASN B 28 6.23 -24.63 9.90
CA ASN B 28 7.01 -25.87 9.83
C ASN B 28 6.31 -26.74 8.79
N PRO B 29 7.00 -27.08 7.69
CA PRO B 29 6.44 -27.90 6.60
C PRO B 29 5.96 -29.29 7.00
N ALA B 30 6.36 -29.76 8.18
CA ALA B 30 5.93 -31.06 8.65
C ALA B 30 4.55 -30.98 9.30
N MET B 31 4.07 -29.75 9.52
CA MET B 31 2.77 -29.52 10.12
C MET B 31 1.76 -29.06 9.07
N ASP B 32 0.46 -29.25 9.34
CA ASP B 32 -0.59 -28.81 8.42
C ASP B 32 -0.72 -27.30 8.46
N GLY B 33 -1.38 -26.75 7.44
CA GLY B 33 -1.58 -25.30 7.39
C GLY B 33 -0.33 -24.48 7.62
N ILE B 34 -0.44 -23.47 8.48
CA ILE B 34 0.71 -22.62 8.77
C ILE B 34 1.48 -23.06 10.00
N GLY B 35 1.25 -24.29 10.43
CA GLY B 35 1.95 -24.83 11.59
C GLY B 35 1.76 -24.01 12.85
N ALA B 36 0.51 -23.67 13.14
CA ALA B 36 0.20 -22.88 14.33
C ALA B 36 0.38 -23.67 15.62
N VAL B 37 0.94 -23.02 16.63
CA VAL B 37 1.13 -23.63 17.92
C VAL B 37 0.63 -22.64 18.97
N GLU B 38 -0.35 -23.08 19.75
CA GLU B 38 -0.96 -22.23 20.77
C GLU B 38 -0.19 -22.32 22.09
N ASN B 39 -0.30 -21.31 22.92
CA ASN B 39 0.39 -21.29 24.22
C ASN B 39 1.80 -21.80 24.04
N ALA B 40 2.58 -21.07 23.25
CA ALA B 40 3.93 -21.50 22.95
C ALA B 40 5.06 -20.62 23.45
N VAL B 41 6.28 -21.07 23.17
CA VAL B 41 7.47 -20.36 23.57
C VAL B 41 8.59 -20.62 22.57
N ILE B 42 9.49 -19.66 22.43
CA ILE B 42 10.64 -19.77 21.56
C ILE B 42 11.86 -19.61 22.46
N ALA B 43 12.71 -20.62 22.50
CA ALA B 43 13.92 -20.55 23.30
C ALA B 43 15.04 -20.20 22.33
N VAL B 44 15.88 -19.24 22.71
CA VAL B 44 16.97 -18.82 21.84
C VAL B 44 18.34 -18.97 22.49
N ARG B 45 19.32 -19.35 21.68
CA ARG B 45 20.69 -19.49 22.14
C ARG B 45 21.65 -19.07 21.05
N ASN B 46 22.56 -18.16 21.40
CA ASN B 46 23.54 -17.68 20.46
C ASN B 46 22.93 -17.35 19.10
N GLY B 47 21.80 -16.65 19.11
CA GLY B 47 21.15 -16.26 17.87
C GLY B 47 20.41 -17.35 17.12
N ARG B 48 20.31 -18.54 17.71
CA ARG B 48 19.64 -19.68 17.09
C ARG B 48 18.41 -20.13 17.87
N ILE B 49 17.46 -20.75 17.17
CA ILE B 49 16.26 -21.26 17.81
C ILE B 49 16.59 -22.60 18.46
N ALA B 50 16.50 -22.65 19.79
CA ALA B 50 16.81 -23.89 20.51
C ALA B 50 15.54 -24.70 20.68
N PHE B 51 14.41 -24.03 20.64
CA PHE B 51 13.11 -24.68 20.80
C PHE B 51 11.99 -23.76 20.37
N ALA B 52 10.94 -24.33 19.78
CA ALA B 52 9.79 -23.55 19.36
C ALA B 52 8.58 -24.47 19.35
N GLY B 53 7.77 -24.36 20.39
CA GLY B 53 6.58 -25.18 20.50
C GLY B 53 5.81 -24.91 21.79
N PRO B 54 4.90 -25.80 22.18
CA PRO B 54 4.08 -25.68 23.39
C PRO B 54 4.94 -25.39 24.61
N GLU B 55 4.53 -24.42 25.42
CA GLU B 55 5.30 -24.09 26.60
C GLU B 55 5.34 -25.32 27.52
N SER B 56 4.31 -26.15 27.44
CA SER B 56 4.23 -27.36 28.24
C SER B 56 5.21 -28.46 27.78
N ASP B 57 5.90 -28.23 26.67
CA ASP B 57 6.85 -29.22 26.16
C ASP B 57 8.29 -28.71 26.16
N LEU B 58 8.48 -27.51 26.68
CA LEU B 58 9.82 -26.93 26.75
C LEU B 58 10.71 -27.80 27.63
N PRO B 59 11.87 -28.25 27.10
CA PRO B 59 12.79 -29.09 27.85
C PRO B 59 13.35 -28.41 29.11
N ASP B 60 13.67 -29.20 30.13
CA ASP B 60 14.21 -28.66 31.38
C ASP B 60 15.46 -27.82 31.18
N ASP B 61 16.40 -28.31 30.38
CA ASP B 61 17.64 -27.57 30.16
C ASP B 61 17.40 -26.24 29.45
N LEU B 62 16.17 -26.03 28.96
CA LEU B 62 15.85 -24.77 28.27
C LEU B 62 14.80 -23.95 29.03
N SER B 63 14.39 -24.42 30.20
CA SER B 63 13.34 -23.72 30.97
C SER B 63 13.76 -22.40 31.62
N THR B 64 15.06 -22.12 31.67
CA THR B 64 15.55 -20.88 32.25
C THR B 64 16.49 -20.27 31.22
N ALA B 65 16.63 -18.95 31.26
CA ALA B 65 17.50 -18.25 30.32
C ALA B 65 17.94 -16.92 30.92
N ASP B 66 18.89 -16.26 30.27
CA ASP B 66 19.39 -14.97 30.76
C ASP B 66 18.29 -13.92 30.76
N GLU B 67 17.43 -13.98 29.75
CA GLU B 67 16.33 -13.02 29.59
C GLU B 67 15.03 -13.75 29.23
N THR B 68 13.90 -13.16 29.61
CA THR B 68 12.61 -13.73 29.27
C THR B 68 11.66 -12.59 28.91
N THR B 69 10.98 -12.73 27.76
CA THR B 69 10.04 -11.71 27.30
C THR B 69 8.62 -12.31 27.27
N ASP B 70 7.68 -11.61 27.89
CA ASP B 70 6.29 -12.05 27.92
C ASP B 70 5.64 -11.47 26.66
N CYS B 71 5.30 -12.33 25.71
CA CYS B 71 4.69 -11.87 24.45
C CYS B 71 3.21 -11.53 24.53
N GLY B 72 2.62 -11.71 25.71
CA GLY B 72 1.22 -11.37 25.91
C GLY B 72 0.22 -12.02 24.98
N GLY B 73 0.56 -13.21 24.48
CA GLY B 73 -0.33 -13.92 23.59
C GLY B 73 -0.36 -13.43 22.15
N ARG B 74 0.55 -12.53 21.79
CA ARG B 74 0.58 -12.04 20.42
C ARG B 74 1.05 -13.12 19.46
N TRP B 75 0.77 -12.95 18.18
CA TRP B 75 1.18 -13.91 17.18
C TRP B 75 2.61 -13.64 16.73
N ILE B 76 3.36 -14.70 16.51
CA ILE B 76 4.73 -14.60 16.05
C ILE B 76 4.89 -15.46 14.78
N THR B 77 5.49 -14.89 13.76
CA THR B 77 5.71 -15.62 12.51
C THR B 77 7.20 -15.53 12.21
N PRO B 78 7.67 -16.29 11.22
CA PRO B 78 9.10 -16.18 10.93
C PRO B 78 9.21 -14.77 10.36
N ALA B 79 10.40 -14.16 10.41
CA ALA B 79 10.56 -12.83 9.85
C ALA B 79 10.22 -12.96 8.37
N LEU B 80 9.69 -11.89 7.77
CA LEU B 80 9.34 -11.95 6.36
C LEU B 80 10.60 -11.90 5.49
N ILE B 81 10.48 -12.40 4.27
CA ILE B 81 11.60 -12.45 3.33
C ILE B 81 11.14 -11.96 1.97
N ASP B 82 11.92 -11.05 1.37
CA ASP B 82 11.61 -10.51 0.05
C ASP B 82 12.66 -11.11 -0.86
N CYS B 83 12.29 -12.17 -1.57
CA CYS B 83 13.22 -12.90 -2.43
C CYS B 83 13.47 -12.36 -3.83
N HIS B 84 12.88 -11.21 -4.16
CA HIS B 84 13.09 -10.66 -5.49
C HIS B 84 12.95 -9.13 -5.51
N THR B 85 14.07 -8.42 -5.51
CA THR B 85 14.04 -6.95 -5.58
C THR B 85 15.20 -6.37 -6.39
N HIS B 86 15.04 -5.11 -6.78
CA HIS B 86 16.03 -4.35 -7.52
C HIS B 86 16.16 -3.09 -6.69
N LEU B 87 16.14 -3.28 -5.38
CA LEU B 87 16.21 -2.23 -4.37
C LEU B 87 17.29 -1.17 -4.64
N VAL B 88 18.44 -1.60 -5.18
CA VAL B 88 19.53 -0.68 -5.47
C VAL B 88 19.42 -0.09 -6.87
N PHE B 89 19.41 1.24 -6.94
CA PHE B 89 19.33 1.96 -8.20
C PHE B 89 19.38 3.45 -7.91
N GLY B 90 19.78 4.23 -8.92
CA GLY B 90 19.84 5.66 -8.74
C GLY B 90 18.60 6.33 -9.28
N GLY B 91 18.26 7.49 -8.72
CA GLY B 91 17.09 8.23 -9.18
C GLY B 91 15.77 7.49 -9.08
N ASN B 92 14.79 7.98 -9.83
CA ASN B 92 13.47 7.36 -9.84
C ASN B 92 12.88 7.49 -11.24
N ARG B 93 11.70 6.90 -11.46
CA ARG B 93 11.08 6.96 -12.78
C ARG B 93 9.72 7.64 -12.75
N ALA B 94 9.56 8.62 -11.88
CA ALA B 94 8.31 9.34 -11.75
C ALA B 94 7.96 10.10 -13.03
N MET B 95 8.99 10.63 -13.72
CA MET B 95 8.77 11.39 -14.94
C MET B 95 7.90 10.70 -15.99
N GLU B 96 8.34 9.54 -16.46
CA GLU B 96 7.57 8.82 -17.48
C GLU B 96 6.22 8.35 -16.95
N PHE B 97 6.14 8.10 -15.65
CA PHE B 97 4.89 7.69 -15.02
C PHE B 97 3.85 8.77 -15.32
N GLU B 98 4.23 10.00 -15.02
CA GLU B 98 3.40 11.16 -15.24
C GLU B 98 3.11 11.39 -16.72
N MET B 99 4.14 11.27 -17.54
CA MET B 99 3.99 11.46 -18.98
C MET B 99 2.99 10.47 -19.56
N ARG B 100 3.18 9.20 -19.24
CA ARG B 100 2.30 8.17 -19.76
C ARG B 100 0.85 8.44 -19.38
N LEU B 101 0.64 8.93 -18.16
CA LEU B 101 -0.72 9.24 -17.70
C LEU B 101 -1.29 10.43 -18.48
N ASN B 102 -0.42 11.24 -19.06
CA ASN B 102 -0.85 12.39 -19.87
C ASN B 102 -1.03 12.00 -21.34
N GLY B 103 -0.87 10.72 -21.65
CA GLY B 103 -1.04 10.29 -23.02
C GLY B 103 0.20 10.20 -23.88
N ALA B 104 1.37 10.39 -23.28
CA ALA B 104 2.62 10.32 -24.05
C ALA B 104 2.78 8.97 -24.74
N THR B 105 3.33 9.01 -25.96
CA THR B 105 3.56 7.81 -26.74
C THR B 105 4.85 7.16 -26.28
N TYR B 106 4.98 5.86 -26.53
CA TYR B 106 6.17 5.15 -26.12
C TYR B 106 7.38 5.86 -26.73
N GLU B 107 7.21 6.40 -27.93
CA GLU B 107 8.27 7.12 -28.62
C GLU B 107 8.55 8.45 -27.93
N GLU B 108 7.49 9.12 -27.49
CA GLU B 108 7.61 10.42 -26.81
C GLU B 108 8.35 10.30 -25.48
N ILE B 109 8.06 9.25 -24.73
CA ILE B 109 8.71 9.03 -23.45
C ILE B 109 10.19 8.76 -23.70
N ALA B 110 10.48 7.87 -24.64
CA ALA B 110 11.87 7.52 -24.98
C ALA B 110 12.61 8.81 -25.31
N LYS B 111 11.99 9.59 -26.19
CA LYS B 111 12.54 10.87 -26.63
C LYS B 111 12.83 11.77 -25.43
N ALA B 112 12.01 11.64 -24.39
CA ALA B 112 12.19 12.45 -23.19
C ALA B 112 13.20 11.86 -22.22
N GLY B 113 13.77 10.71 -22.56
CA GLY B 113 14.77 10.11 -21.69
C GLY B 113 14.27 9.03 -20.75
N GLY B 114 13.04 8.59 -20.96
CA GLY B 114 12.46 7.55 -20.12
C GLY B 114 12.87 6.17 -20.57
N GLY B 115 12.33 5.14 -19.91
CA GLY B 115 12.68 3.78 -20.24
C GLY B 115 13.74 3.27 -19.30
N ILE B 116 14.09 1.99 -19.42
CA ILE B 116 15.09 1.41 -18.55
C ILE B 116 16.43 2.14 -18.62
N VAL B 117 16.70 2.79 -19.76
CA VAL B 117 17.95 3.53 -19.91
C VAL B 117 18.06 4.63 -18.84
N SER B 118 16.93 5.14 -18.37
CA SER B 118 16.96 6.17 -17.34
C SER B 118 17.58 5.65 -16.04
N SER B 119 17.17 4.46 -15.62
CA SER B 119 17.71 3.88 -14.40
C SER B 119 19.18 3.53 -14.56
N VAL B 120 19.56 3.09 -15.74
CA VAL B 120 20.96 2.74 -16.01
C VAL B 120 21.83 3.99 -15.88
N ARG B 121 21.41 5.07 -16.55
CA ARG B 121 22.17 6.31 -16.46
C ARG B 121 22.31 6.83 -15.04
N ASP B 122 21.19 6.88 -14.33
CA ASP B 122 21.22 7.39 -12.96
C ASP B 122 22.01 6.50 -12.02
N THR B 123 22.03 5.20 -12.29
CA THR B 123 22.79 4.27 -11.45
C THR B 123 24.27 4.42 -11.78
N ARG B 124 24.60 4.51 -13.07
CA ARG B 124 25.99 4.68 -13.49
C ARG B 124 26.58 5.98 -12.96
N ALA B 125 25.75 7.02 -12.88
CA ALA B 125 26.19 8.35 -12.44
C ALA B 125 26.44 8.56 -10.95
N LEU B 126 26.04 7.61 -10.11
CA LEU B 126 26.21 7.78 -8.66
C LEU B 126 27.30 6.94 -8.03
N SER B 127 27.90 7.48 -6.97
CA SER B 127 28.95 6.80 -6.22
C SER B 127 28.32 5.70 -5.37
N ASP B 128 29.17 4.87 -4.76
CA ASP B 128 28.71 3.80 -3.89
C ASP B 128 27.93 4.43 -2.75
N GLU B 129 28.56 5.43 -2.13
CA GLU B 129 28.01 6.14 -1.00
C GLU B 129 26.62 6.70 -1.24
N VAL B 130 26.37 7.25 -2.42
CA VAL B 130 25.07 7.83 -2.73
C VAL B 130 24.02 6.77 -3.05
N LEU B 131 24.46 5.67 -3.65
CA LEU B 131 23.55 4.57 -3.97
C LEU B 131 23.09 3.98 -2.64
N VAL B 132 24.00 3.87 -1.69
CA VAL B 132 23.67 3.36 -0.37
C VAL B 132 22.66 4.30 0.27
N ALA B 133 22.93 5.60 0.16
CA ALA B 133 22.06 6.62 0.73
C ALA B 133 20.64 6.57 0.16
N GLN B 134 20.54 6.37 -1.15
CA GLN B 134 19.23 6.31 -1.80
C GLN B 134 18.49 5.00 -1.56
N ALA B 135 19.22 3.92 -1.33
CA ALA B 135 18.61 2.61 -1.10
C ALA B 135 18.09 2.44 0.33
N LEU B 136 18.76 3.05 1.29
CA LEU B 136 18.38 2.91 2.69
C LEU B 136 16.91 3.17 3.01
N PRO B 137 16.33 4.25 2.47
CA PRO B 137 14.90 4.51 2.77
C PRO B 137 13.99 3.36 2.32
N ARG B 138 14.36 2.73 1.20
CA ARG B 138 13.57 1.61 0.71
C ARG B 138 13.78 0.39 1.60
N LEU B 139 15.05 0.13 1.94
CA LEU B 139 15.39 -0.99 2.81
C LEU B 139 14.71 -0.81 4.17
N ASP B 140 14.80 0.38 4.74
CA ASP B 140 14.17 0.62 6.04
C ASP B 140 12.66 0.43 5.99
N THR B 141 12.03 0.80 4.88
CA THR B 141 10.59 0.63 4.77
C THR B 141 10.26 -0.86 4.90
N LEU B 142 11.02 -1.72 4.23
CA LEU B 142 10.79 -3.15 4.32
C LEU B 142 11.08 -3.67 5.73
N LEU B 143 12.20 -3.22 6.30
CA LEU B 143 12.59 -3.63 7.64
C LEU B 143 11.48 -3.29 8.64
N SER B 144 10.86 -2.13 8.47
CA SER B 144 9.80 -1.68 9.38
C SER B 144 8.60 -2.62 9.37
N GLU B 145 8.49 -3.45 8.34
CA GLU B 145 7.38 -4.39 8.25
C GLU B 145 7.77 -5.78 8.73
N GLY B 146 8.93 -5.90 9.35
CA GLY B 146 9.36 -7.19 9.85
C GLY B 146 10.14 -8.03 8.87
N VAL B 147 10.55 -7.44 7.75
CA VAL B 147 11.34 -8.13 6.75
C VAL B 147 12.78 -8.20 7.26
N SER B 148 13.36 -9.40 7.31
CA SER B 148 14.73 -9.52 7.80
C SER B 148 15.71 -10.16 6.80
N THR B 149 15.20 -10.63 5.67
CA THR B 149 16.05 -11.22 4.63
C THR B 149 15.59 -10.62 3.31
N ILE B 150 16.52 -10.01 2.56
CA ILE B 150 16.18 -9.39 1.28
C ILE B 150 17.18 -9.71 0.18
N GLU B 151 16.67 -10.05 -1.00
CA GLU B 151 17.51 -10.36 -2.16
C GLU B 151 17.61 -9.08 -3.00
N ILE B 152 18.83 -8.76 -3.43
CA ILE B 152 19.04 -7.56 -4.23
C ILE B 152 19.81 -7.93 -5.50
N LYS B 153 19.31 -7.49 -6.64
CA LYS B 153 19.90 -7.79 -7.94
C LYS B 153 20.73 -6.62 -8.49
N SER B 154 21.52 -6.89 -9.51
CA SER B 154 22.28 -5.83 -10.18
C SER B 154 21.39 -5.58 -11.40
N GLY B 155 21.97 -5.32 -12.57
CA GLY B 155 21.11 -5.13 -13.74
C GLY B 155 20.76 -3.71 -14.18
N TYR B 156 21.29 -2.70 -13.50
CA TYR B 156 21.03 -1.32 -13.91
C TYR B 156 22.38 -0.67 -14.22
N GLY B 157 23.33 -1.51 -14.65
CA GLY B 157 24.66 -1.03 -15.00
C GLY B 157 24.95 -1.32 -16.45
N LEU B 158 24.79 -2.58 -16.84
CA LEU B 158 25.00 -3.01 -18.21
C LEU B 158 26.43 -2.89 -18.71
N ASP B 159 27.36 -2.72 -17.77
CA ASP B 159 28.78 -2.68 -18.05
C ASP B 159 29.38 -3.29 -16.79
N ILE B 160 30.53 -3.94 -16.91
CA ILE B 160 31.13 -4.60 -15.75
C ILE B 160 31.26 -3.73 -14.50
N GLU B 161 31.85 -2.56 -14.64
CA GLU B 161 32.04 -1.67 -13.50
C GLU B 161 30.76 -1.33 -12.72
N THR B 162 29.70 -0.95 -13.42
CA THR B 162 28.47 -0.59 -12.74
C THR B 162 27.73 -1.81 -12.19
N GLU B 163 27.76 -2.91 -12.93
CA GLU B 163 27.12 -4.13 -12.45
C GLU B 163 27.77 -4.51 -11.14
N LEU B 164 29.11 -4.41 -11.09
CA LEU B 164 29.85 -4.73 -9.87
C LEU B 164 29.56 -3.76 -8.73
N LYS B 165 29.44 -2.47 -9.05
CA LYS B 165 29.19 -1.46 -8.03
C LYS B 165 27.86 -1.73 -7.32
N MET B 166 26.85 -2.16 -8.07
CA MET B 166 25.56 -2.46 -7.48
C MET B 166 25.68 -3.56 -6.43
N LEU B 167 26.34 -4.66 -6.77
CA LEU B 167 26.52 -5.76 -5.82
C LEU B 167 27.26 -5.26 -4.59
N ARG B 168 28.27 -4.40 -4.81
CA ARG B 168 29.05 -3.84 -3.72
C ARG B 168 28.17 -3.07 -2.75
N VAL B 169 27.28 -2.25 -3.29
CA VAL B 169 26.37 -1.45 -2.49
C VAL B 169 25.46 -2.36 -1.67
N ALA B 170 24.98 -3.43 -2.29
CA ALA B 170 24.09 -4.37 -1.61
C ALA B 170 24.80 -4.97 -0.40
N ARG B 171 26.05 -5.39 -0.59
CA ARG B 171 26.81 -5.96 0.51
C ARG B 171 26.95 -4.95 1.65
N ARG B 172 27.25 -3.71 1.27
CA ARG B 172 27.43 -2.63 2.24
C ARG B 172 26.18 -2.34 3.07
N LEU B 173 25.00 -2.47 2.46
CA LEU B 173 23.77 -2.22 3.18
C LEU B 173 23.62 -3.19 4.35
N GLU B 174 24.05 -4.43 4.15
CA GLU B 174 23.97 -5.46 5.18
C GLU B 174 24.81 -5.10 6.42
N THR B 175 25.80 -4.24 6.25
CA THR B 175 26.66 -3.83 7.35
C THR B 175 26.09 -2.64 8.11
N LEU B 176 25.02 -2.06 7.59
CA LEU B 176 24.42 -0.87 8.18
C LEU B 176 23.09 -1.09 8.90
N ARG B 177 22.54 -2.30 8.75
CA ARG B 177 21.27 -2.65 9.37
C ARG B 177 21.27 -4.12 9.73
N PRO B 178 20.43 -4.50 10.71
CA PRO B 178 20.35 -5.91 11.11
C PRO B 178 19.45 -6.61 10.09
N VAL B 179 20.06 -7.07 8.99
CA VAL B 179 19.34 -7.73 7.91
C VAL B 179 20.23 -8.71 7.16
N ARG B 180 19.61 -9.74 6.58
CA ARG B 180 20.33 -10.73 5.80
C ARG B 180 20.13 -10.38 4.33
N ILE B 181 21.21 -10.05 3.64
CA ILE B 181 21.12 -9.69 2.24
C ILE B 181 21.84 -10.68 1.34
N VAL B 182 21.15 -11.15 0.31
CA VAL B 182 21.75 -12.04 -0.67
C VAL B 182 21.69 -11.30 -1.99
N THR B 183 22.67 -11.53 -2.86
CA THR B 183 22.72 -10.83 -4.14
C THR B 183 22.60 -11.72 -5.37
N SER B 184 22.18 -11.10 -6.47
CA SER B 184 22.01 -11.80 -7.74
C SER B 184 22.57 -10.95 -8.88
N TYR B 185 23.55 -11.51 -9.59
CA TYR B 185 24.19 -10.86 -10.72
C TYR B 185 23.21 -10.84 -11.88
N LEU B 186 22.81 -9.64 -12.31
CA LEU B 186 21.83 -9.53 -13.39
C LEU B 186 22.27 -8.67 -14.59
N ALA B 187 23.47 -8.92 -15.10
CA ALA B 187 23.95 -8.15 -16.25
C ALA B 187 23.07 -8.48 -17.45
N ALA B 188 22.61 -9.72 -17.51
CA ALA B 188 21.75 -10.16 -18.60
C ALA B 188 20.32 -9.68 -18.34
N HIS B 189 20.18 -8.37 -18.16
CA HIS B 189 18.88 -7.75 -17.88
C HIS B 189 18.34 -7.07 -19.13
N ALA B 190 19.25 -6.39 -19.83
CA ALA B 190 18.92 -5.67 -21.05
C ALA B 190 20.22 -5.43 -21.82
N THR B 191 20.09 -4.99 -23.06
CA THR B 191 21.27 -4.73 -23.87
C THR B 191 21.52 -3.22 -23.90
N PRO B 192 22.68 -2.77 -23.41
CA PRO B 192 22.98 -1.34 -23.42
C PRO B 192 23.08 -0.78 -24.84
N ALA B 193 23.06 0.54 -24.96
CA ALA B 193 23.13 1.22 -26.24
C ALA B 193 24.29 0.82 -27.15
N ASP B 194 25.51 0.86 -26.61
CA ASP B 194 26.69 0.52 -27.40
C ASP B 194 26.79 -0.95 -27.82
N TYR B 195 25.76 -1.74 -27.52
CA TYR B 195 25.74 -3.15 -27.88
C TYR B 195 24.43 -3.52 -28.57
N LYS B 196 23.67 -2.53 -28.98
CA LYS B 196 22.38 -2.77 -29.61
C LYS B 196 22.52 -3.73 -30.79
N GLY B 197 21.63 -4.72 -30.83
CA GLY B 197 21.64 -5.69 -31.90
C GLY B 197 22.79 -6.68 -31.80
N ARG B 198 23.61 -6.56 -30.76
CA ARG B 198 24.74 -7.45 -30.58
C ARG B 198 24.65 -8.12 -29.20
N ASN B 199 23.56 -8.85 -28.97
CA ASN B 199 23.36 -9.52 -27.69
C ASN B 199 24.47 -10.52 -27.41
N ALA B 200 24.82 -11.31 -28.41
CA ALA B 200 25.89 -12.30 -28.23
C ALA B 200 27.19 -11.62 -27.82
N ASP B 201 27.52 -10.50 -28.47
CA ASP B 201 28.74 -9.79 -28.12
C ASP B 201 28.62 -9.19 -26.74
N TYR B 202 27.40 -8.80 -26.37
CA TYR B 202 27.17 -8.21 -25.05
C TYR B 202 27.44 -9.24 -23.97
N ILE B 203 26.93 -10.45 -24.18
CA ILE B 203 27.11 -11.53 -23.23
C ILE B 203 28.59 -11.92 -23.20
N THR B 204 29.23 -11.91 -24.37
CA THR B 204 30.64 -12.25 -24.47
C THR B 204 31.56 -11.24 -23.80
N ASP B 205 31.34 -9.96 -24.07
CA ASP B 205 32.20 -8.92 -23.52
C ASP B 205 31.87 -8.43 -22.12
N VAL B 206 30.58 -8.37 -21.78
CA VAL B 206 30.18 -7.88 -20.47
C VAL B 206 29.59 -8.89 -19.49
N VAL B 207 28.54 -9.60 -19.90
CA VAL B 207 27.89 -10.55 -18.99
C VAL B 207 28.81 -11.60 -18.39
N LEU B 208 29.36 -12.48 -19.23
CA LEU B 208 30.24 -13.54 -18.74
C LEU B 208 31.48 -13.04 -17.99
N PRO B 209 32.23 -12.09 -18.58
CA PRO B 209 33.42 -11.60 -17.88
C PRO B 209 33.05 -10.92 -16.56
N GLY B 210 31.87 -10.29 -16.56
CA GLY B 210 31.39 -9.61 -15.38
C GLY B 210 31.08 -10.62 -14.30
N LEU B 211 30.52 -11.75 -14.70
CA LEU B 211 30.17 -12.83 -13.76
C LEU B 211 31.43 -13.37 -13.10
N GLU B 212 32.46 -13.64 -13.91
CA GLU B 212 33.71 -14.15 -13.37
C GLU B 212 34.23 -13.17 -12.34
N LYS B 213 34.23 -11.89 -12.69
CA LYS B 213 34.73 -10.87 -11.79
C LYS B 213 33.91 -10.75 -10.53
N ALA B 214 32.58 -10.78 -10.65
CA ALA B 214 31.72 -10.65 -9.48
C ALA B 214 31.96 -11.80 -8.51
N HIS B 215 32.00 -13.02 -9.05
CA HIS B 215 32.22 -14.18 -8.23
C HIS B 215 33.58 -14.15 -7.55
N ALA B 216 34.61 -13.77 -8.29
CA ALA B 216 35.96 -13.71 -7.75
C ALA B 216 36.03 -12.79 -6.54
N GLU B 217 35.16 -11.78 -6.50
CA GLU B 217 35.14 -10.83 -5.39
C GLU B 217 34.14 -11.23 -4.31
N GLY B 218 33.41 -12.32 -4.54
CA GLY B 218 32.44 -12.79 -3.58
C GLY B 218 31.24 -11.87 -3.49
N LEU B 219 30.94 -11.19 -4.58
CA LEU B 219 29.82 -10.25 -4.64
C LEU B 219 28.52 -10.82 -5.17
N ALA B 220 28.57 -12.02 -5.73
CA ALA B 220 27.38 -12.65 -6.29
C ALA B 220 26.98 -13.95 -5.62
N ASP B 221 25.76 -14.00 -5.07
CA ASP B 221 25.29 -15.22 -4.42
C ASP B 221 24.59 -16.09 -5.46
N ALA B 222 23.98 -15.44 -6.44
CA ALA B 222 23.30 -16.16 -7.51
C ALA B 222 23.39 -15.35 -8.81
N VAL B 223 23.04 -15.99 -9.91
CA VAL B 223 23.05 -15.35 -11.23
C VAL B 223 21.61 -15.33 -11.71
N ASP B 224 21.15 -14.16 -12.15
CA ASP B 224 19.78 -13.96 -12.61
C ASP B 224 19.79 -13.68 -14.12
N GLY B 225 18.61 -13.45 -14.70
CA GLY B 225 18.52 -13.17 -16.11
C GLY B 225 17.12 -12.76 -16.51
N PHE B 226 16.99 -12.12 -17.67
CA PHE B 226 15.70 -11.69 -18.16
C PHE B 226 15.43 -12.35 -19.52
N CYS B 227 14.69 -13.45 -19.48
CA CYS B 227 14.35 -14.21 -20.68
C CYS B 227 13.00 -13.75 -21.22
N GLU B 228 13.04 -12.81 -22.16
CA GLU B 228 11.81 -12.27 -22.73
C GLU B 228 12.05 -11.73 -24.14
N GLY B 229 10.97 -11.66 -24.92
CA GLY B 229 11.07 -11.17 -26.27
C GLY B 229 11.69 -9.78 -26.34
N ILE B 230 11.61 -9.01 -25.26
CA ILE B 230 12.19 -7.67 -25.23
C ILE B 230 13.57 -7.68 -24.60
N ALA B 231 14.04 -8.87 -24.22
CA ALA B 231 15.35 -8.98 -23.60
C ALA B 231 16.19 -10.09 -24.23
N PHE B 232 16.47 -11.14 -23.46
CA PHE B 232 17.27 -12.24 -23.96
C PHE B 232 16.47 -13.50 -24.26
N SER B 233 16.96 -14.27 -25.22
CA SER B 233 16.34 -15.51 -25.66
C SER B 233 16.76 -16.67 -24.77
N VAL B 234 16.06 -17.79 -24.92
CA VAL B 234 16.36 -18.99 -24.14
C VAL B 234 17.82 -19.38 -24.37
N LYS B 235 18.22 -19.46 -25.64
CA LYS B 235 19.59 -19.82 -25.97
C LYS B 235 20.63 -18.87 -25.38
N GLU B 236 20.33 -17.57 -25.38
CA GLU B 236 21.28 -16.61 -24.83
C GLU B 236 21.38 -16.74 -23.31
N ILE B 237 20.25 -16.97 -22.65
CA ILE B 237 20.28 -17.13 -21.21
C ILE B 237 20.99 -18.44 -20.88
N ASP B 238 20.87 -19.42 -21.78
CA ASP B 238 21.52 -20.72 -21.58
C ASP B 238 23.04 -20.53 -21.44
N ARG B 239 23.60 -19.64 -22.25
CA ARG B 239 25.03 -19.37 -22.20
C ARG B 239 25.43 -18.91 -20.81
N VAL B 240 24.61 -18.03 -20.25
CA VAL B 240 24.84 -17.47 -18.93
C VAL B 240 24.72 -18.51 -17.83
N PHE B 241 23.64 -19.30 -17.86
CA PHE B 241 23.43 -20.33 -16.85
C PHE B 241 24.53 -21.39 -16.90
N ALA B 242 25.02 -21.69 -18.08
CA ALA B 242 26.08 -22.68 -18.24
C ALA B 242 27.34 -22.17 -17.54
N ALA B 243 27.64 -20.89 -17.74
CA ALA B 243 28.80 -20.29 -17.13
C ALA B 243 28.68 -20.26 -15.62
N ALA B 244 27.48 -19.97 -15.11
CA ALA B 244 27.27 -19.92 -13.67
C ALA B 244 27.36 -21.32 -13.07
N GLN B 245 26.71 -22.28 -13.71
CA GLN B 245 26.71 -23.66 -13.24
C GLN B 245 28.13 -24.18 -13.07
N GLN B 246 29.02 -23.87 -14.01
CA GLN B 246 30.40 -24.33 -13.93
C GLN B 246 31.15 -23.81 -12.72
N ARG B 247 30.69 -22.68 -12.18
CA ARG B 247 31.34 -22.09 -11.03
C ARG B 247 30.62 -22.40 -9.72
N GLY B 248 29.57 -23.21 -9.80
CA GLY B 248 28.83 -23.57 -8.60
C GLY B 248 27.80 -22.55 -8.16
N LEU B 249 27.54 -21.54 -9.00
CA LEU B 249 26.58 -20.50 -8.65
C LEU B 249 25.15 -20.88 -9.02
N PRO B 250 24.22 -20.76 -8.06
CA PRO B 250 22.84 -21.10 -8.36
C PRO B 250 22.28 -20.05 -9.32
N VAL B 251 21.23 -20.41 -10.04
CA VAL B 251 20.63 -19.51 -11.00
C VAL B 251 19.14 -19.28 -10.75
N LYS B 252 18.62 -18.19 -11.28
CA LYS B 252 17.21 -17.84 -11.17
C LYS B 252 16.87 -17.10 -12.45
N LEU B 253 15.60 -16.81 -12.69
CA LEU B 253 15.26 -16.15 -13.94
C LEU B 253 13.90 -15.43 -13.98
N HIS B 254 13.89 -14.27 -14.62
CA HIS B 254 12.65 -13.52 -14.82
C HIS B 254 12.08 -14.26 -16.03
N ALA B 255 11.05 -15.07 -15.84
CA ALA B 255 10.50 -15.84 -16.95
C ALA B 255 9.02 -15.68 -17.21
N GLU B 256 8.66 -15.83 -18.48
CA GLU B 256 7.28 -15.77 -18.95
C GLU B 256 6.49 -14.57 -18.42
N GLN B 257 7.17 -13.44 -18.19
CA GLN B 257 6.46 -12.27 -17.69
C GLN B 257 5.54 -11.65 -18.74
N LEU B 258 6.07 -11.43 -19.94
CA LEU B 258 5.31 -10.79 -21.01
C LEU B 258 4.91 -11.67 -22.20
N SER B 259 5.32 -12.93 -22.17
CA SER B 259 5.00 -13.87 -23.24
C SER B 259 5.51 -15.25 -22.85
N ASN B 260 5.12 -16.27 -23.60
CA ASN B 260 5.56 -17.62 -23.29
C ASN B 260 6.73 -18.01 -24.20
N LEU B 261 7.94 -18.01 -23.64
CA LEU B 261 9.13 -18.37 -24.42
C LEU B 261 9.74 -19.72 -24.04
N GLY B 262 9.59 -20.11 -22.78
CA GLY B 262 10.16 -21.37 -22.35
C GLY B 262 11.24 -21.14 -21.31
N GLY B 263 11.26 -19.92 -20.78
CA GLY B 263 12.24 -19.57 -19.78
C GLY B 263 12.08 -20.40 -18.52
N ALA B 264 10.83 -20.61 -18.09
CA ALA B 264 10.58 -21.41 -16.90
C ALA B 264 11.20 -22.79 -17.05
N GLU B 265 10.98 -23.40 -18.21
CA GLU B 265 11.54 -24.72 -18.46
C GLU B 265 13.06 -24.72 -18.48
N LEU B 266 13.67 -23.64 -18.97
CA LEU B 266 15.11 -23.55 -19.00
C LEU B 266 15.65 -23.49 -17.58
N ALA B 267 14.98 -22.71 -16.74
CA ALA B 267 15.41 -22.57 -15.36
C ALA B 267 15.33 -23.92 -14.65
N ALA B 268 14.22 -24.62 -14.84
CA ALA B 268 14.04 -25.92 -14.20
C ALA B 268 15.17 -26.88 -14.56
N SER B 269 15.45 -26.99 -15.86
CA SER B 269 16.50 -27.89 -16.34
C SER B 269 17.86 -27.62 -15.68
N TYR B 270 18.02 -26.40 -15.17
CA TYR B 270 19.26 -26.01 -14.49
C TYR B 270 19.07 -26.07 -12.97
N ASN B 271 17.94 -26.61 -12.55
CA ASN B 271 17.59 -26.71 -11.13
C ASN B 271 17.74 -25.34 -10.46
N ALA B 272 17.21 -24.33 -11.13
CA ALA B 272 17.26 -22.96 -10.63
C ALA B 272 16.55 -22.81 -9.30
N LEU B 273 16.97 -21.81 -8.53
CA LEU B 273 16.36 -21.52 -7.25
C LEU B 273 14.90 -21.13 -7.48
N SER B 274 14.66 -20.37 -8.56
CA SER B 274 13.32 -19.91 -8.86
C SER B 274 13.14 -19.38 -10.27
N ALA B 275 11.86 -19.25 -10.66
CA ALA B 275 11.45 -18.71 -11.95
C ALA B 275 10.51 -17.62 -11.46
N ASP B 276 10.72 -16.39 -11.89
CA ASP B 276 9.92 -15.26 -11.38
C ASP B 276 9.03 -14.55 -12.42
N HIS B 277 7.87 -14.09 -11.96
CA HIS B 277 6.83 -13.41 -12.76
C HIS B 277 5.85 -14.47 -13.22
N LEU B 278 6.21 -15.20 -14.27
CA LEU B 278 5.41 -16.31 -14.77
C LEU B 278 3.97 -16.06 -15.26
N GLU B 279 3.64 -14.83 -15.63
CA GLU B 279 2.28 -14.57 -16.11
C GLU B 279 1.85 -15.51 -17.23
N TYR B 280 2.74 -15.78 -18.17
CA TYR B 280 2.42 -16.63 -19.31
C TYR B 280 2.83 -18.09 -19.21
N LEU B 281 3.25 -18.50 -18.02
CA LEU B 281 3.65 -19.89 -17.80
C LEU B 281 2.51 -20.84 -18.15
N ASP B 282 2.83 -21.96 -18.79
CA ASP B 282 1.80 -22.93 -19.14
C ASP B 282 1.90 -24.15 -18.24
N GLU B 283 0.99 -25.10 -18.43
CA GLU B 283 0.94 -26.32 -17.63
C GLU B 283 2.23 -27.15 -17.66
N THR B 284 2.86 -27.22 -18.83
CA THR B 284 4.11 -27.98 -18.95
C THR B 284 5.21 -27.33 -18.13
N GLY B 285 5.27 -26.01 -18.17
CA GLY B 285 6.26 -25.29 -17.41
C GLY B 285 6.03 -25.42 -15.92
N ALA B 286 4.76 -25.38 -15.51
CA ALA B 286 4.42 -25.51 -14.11
C ALA B 286 4.91 -26.86 -13.56
N LYS B 287 4.63 -27.92 -14.32
CA LYS B 287 5.05 -29.27 -13.91
C LYS B 287 6.57 -29.37 -13.84
N ALA B 288 7.26 -28.72 -14.78
CA ALA B 288 8.71 -28.74 -14.83
C ALA B 288 9.32 -28.05 -13.61
N LEU B 289 8.74 -26.93 -13.20
CA LEU B 289 9.24 -26.20 -12.05
C LEU B 289 9.10 -27.05 -10.79
N ALA B 290 7.94 -27.65 -10.61
CA ALA B 290 7.68 -28.49 -9.45
C ALA B 290 8.62 -29.68 -9.42
N LYS B 291 8.77 -30.33 -10.57
CA LYS B 291 9.64 -31.49 -10.69
C LYS B 291 11.06 -31.16 -10.23
N ALA B 292 11.55 -30.01 -10.65
CA ALA B 292 12.90 -29.57 -10.34
C ALA B 292 13.05 -28.93 -8.94
N GLY B 293 11.93 -28.63 -8.31
CA GLY B 293 12.00 -28.02 -6.98
C GLY B 293 12.30 -26.54 -7.07
N THR B 294 12.02 -25.96 -8.25
CA THR B 294 12.25 -24.54 -8.48
C THR B 294 11.04 -23.75 -8.00
N VAL B 295 11.28 -22.74 -7.18
CA VAL B 295 10.18 -21.94 -6.66
C VAL B 295 9.57 -20.99 -7.68
N ALA B 296 8.25 -20.94 -7.70
CA ALA B 296 7.51 -20.06 -8.60
C ALA B 296 7.29 -18.75 -7.84
N VAL B 297 8.02 -17.72 -8.22
CA VAL B 297 7.88 -16.43 -7.55
C VAL B 297 6.92 -15.53 -8.30
N LEU B 298 5.78 -15.23 -7.66
CA LEU B 298 4.80 -14.36 -8.28
C LEU B 298 5.07 -12.92 -7.80
N LEU B 299 4.93 -11.95 -8.70
CA LEU B 299 5.22 -10.56 -8.39
C LEU B 299 4.03 -9.65 -8.75
N PRO B 300 3.04 -9.55 -7.84
CA PRO B 300 1.82 -8.76 -8.02
C PRO B 300 2.03 -7.26 -8.25
N GLY B 301 3.14 -6.71 -7.77
CA GLY B 301 3.41 -5.29 -7.95
C GLY B 301 3.50 -4.89 -9.41
N ALA B 302 4.32 -5.61 -10.17
CA ALA B 302 4.51 -5.33 -11.58
C ALA B 302 3.22 -5.61 -12.35
N PHE B 303 2.54 -6.69 -11.99
CA PHE B 303 1.28 -7.08 -12.62
C PHE B 303 0.32 -5.89 -12.48
N TYR B 304 0.25 -5.36 -11.27
CA TYR B 304 -0.61 -4.22 -10.93
C TYR B 304 -0.23 -2.96 -11.70
N ALA B 305 1.02 -2.56 -11.59
CA ALA B 305 1.48 -1.33 -12.24
C ALA B 305 1.42 -1.34 -13.76
N LEU B 306 1.77 -2.48 -14.37
CA LEU B 306 1.76 -2.58 -15.83
C LEU B 306 0.35 -2.75 -16.39
N ARG B 307 -0.62 -2.91 -15.51
CA ARG B 307 -2.00 -3.10 -15.96
C ARG B 307 -2.10 -4.39 -16.77
N GLU B 308 -1.31 -5.39 -16.38
CA GLU B 308 -1.29 -6.67 -17.07
C GLU B 308 -2.66 -7.35 -16.99
N LYS B 309 -3.03 -8.04 -18.08
CA LYS B 309 -4.30 -8.76 -18.16
C LYS B 309 -4.15 -10.26 -17.95
N GLN B 310 -2.98 -10.80 -18.30
CA GLN B 310 -2.73 -12.23 -18.16
C GLN B 310 -2.32 -12.58 -16.74
N LEU B 311 -3.17 -13.35 -16.06
CA LEU B 311 -2.90 -13.79 -14.70
C LEU B 311 -2.00 -15.03 -14.70
N PRO B 312 -1.12 -15.15 -13.71
CA PRO B 312 -0.24 -16.32 -13.66
C PRO B 312 -1.13 -17.53 -13.39
N PRO B 313 -0.70 -18.73 -13.82
CA PRO B 313 -1.50 -19.95 -13.62
C PRO B 313 -1.45 -20.51 -12.20
N VAL B 314 -2.06 -19.80 -11.26
CA VAL B 314 -2.06 -20.23 -9.87
C VAL B 314 -2.58 -21.64 -9.67
N GLN B 315 -3.72 -21.96 -10.28
CA GLN B 315 -4.28 -23.30 -10.10
C GLN B 315 -3.40 -24.38 -10.70
N ALA B 316 -2.76 -24.08 -11.83
CA ALA B 316 -1.87 -25.04 -12.48
C ALA B 316 -0.67 -25.31 -11.58
N LEU B 317 -0.17 -24.26 -10.94
CA LEU B 317 0.95 -24.37 -10.03
C LEU B 317 0.55 -25.25 -8.84
N ARG B 318 -0.65 -24.98 -8.30
CA ARG B 318 -1.17 -25.75 -7.18
C ARG B 318 -1.27 -27.23 -7.55
N ASP B 319 -1.89 -27.49 -8.70
CA ASP B 319 -2.08 -28.84 -9.20
C ASP B 319 -0.77 -29.59 -9.44
N ALA B 320 0.25 -28.87 -9.90
CA ALA B 320 1.55 -29.47 -10.18
C ALA B 320 2.33 -29.70 -8.89
N GLY B 321 1.90 -29.03 -7.82
CA GLY B 321 2.58 -29.16 -6.54
C GLY B 321 3.76 -28.21 -6.46
N ALA B 322 3.73 -27.16 -7.28
CA ALA B 322 4.80 -26.18 -7.28
C ALA B 322 4.64 -25.31 -6.04
N GLU B 323 5.75 -24.79 -5.51
CA GLU B 323 5.68 -23.94 -4.33
C GLU B 323 5.72 -22.48 -4.79
N ILE B 324 4.75 -21.71 -4.31
CA ILE B 324 4.63 -20.31 -4.69
C ILE B 324 5.16 -19.32 -3.66
N ALA B 325 5.88 -18.32 -4.12
CA ALA B 325 6.41 -17.27 -3.27
C ALA B 325 5.89 -15.94 -3.77
N LEU B 326 6.00 -14.92 -2.93
CA LEU B 326 5.56 -13.58 -3.28
C LEU B 326 6.62 -12.59 -2.87
N ALA B 327 6.94 -11.66 -3.76
CA ALA B 327 7.93 -10.64 -3.47
C ALA B 327 7.48 -9.29 -4.03
N THR B 328 8.20 -8.25 -3.66
CA THR B 328 7.87 -6.89 -4.09
C THR B 328 8.38 -6.51 -5.47
N ASP B 329 9.47 -7.14 -5.88
CA ASP B 329 10.09 -6.81 -7.16
C ASP B 329 10.38 -5.31 -7.15
N CYS B 330 10.61 -4.80 -5.94
CA CYS B 330 10.89 -3.39 -5.75
C CYS B 330 11.93 -2.89 -6.76
N ASN B 331 11.47 -2.03 -7.67
CA ASN B 331 12.34 -1.46 -8.70
C ASN B 331 11.77 -0.12 -9.13
N PRO B 332 12.55 0.68 -9.86
CA PRO B 332 12.06 1.99 -10.29
C PRO B 332 11.10 2.11 -11.47
N GLY B 333 11.12 1.15 -12.40
CA GLY B 333 10.28 1.29 -13.57
C GLY B 333 9.03 0.45 -13.76
N THR B 334 8.93 -0.70 -13.10
CA THR B 334 7.74 -1.53 -13.28
C THR B 334 7.05 -1.92 -11.99
N SER B 335 7.68 -1.65 -10.86
CA SER B 335 7.09 -2.00 -9.58
C SER B 335 7.74 -1.27 -8.41
N PRO B 336 7.54 0.06 -8.31
CA PRO B 336 8.13 0.84 -7.20
C PRO B 336 7.37 0.57 -5.92
N LEU B 337 7.37 -0.70 -5.52
CA LEU B 337 6.66 -1.19 -4.34
C LEU B 337 7.63 -1.48 -3.18
N THR B 338 7.34 -0.91 -2.02
CA THR B 338 8.19 -1.13 -0.85
C THR B 338 7.48 -1.74 0.34
N SER B 339 6.38 -2.44 0.09
CA SER B 339 5.64 -3.08 1.17
C SER B 339 5.36 -4.54 0.85
N LEU B 340 5.90 -5.44 1.66
CA LEU B 340 5.69 -6.87 1.44
C LEU B 340 4.33 -7.26 2.01
N LEU B 341 3.87 -6.51 3.01
CA LEU B 341 2.56 -6.78 3.59
C LEU B 341 1.53 -6.49 2.51
N LEU B 342 1.71 -5.38 1.81
CA LEU B 342 0.80 -5.01 0.72
C LEU B 342 0.91 -6.06 -0.38
N THR B 343 2.12 -6.54 -0.60
CA THR B 343 2.36 -7.57 -1.62
C THR B 343 1.48 -8.79 -1.33
N MET B 344 1.38 -9.18 -0.06
CA MET B 344 0.54 -10.32 0.28
C MET B 344 -0.94 -10.01 0.00
N ASN B 345 -1.36 -8.80 0.34
CA ASN B 345 -2.75 -8.44 0.09
C ASN B 345 -3.05 -8.48 -1.41
N MET B 346 -2.05 -8.15 -2.23
CA MET B 346 -2.25 -8.16 -3.69
C MET B 346 -2.25 -9.60 -4.20
N GLY B 347 -1.43 -10.44 -3.57
CA GLY B 347 -1.38 -11.83 -3.95
C GLY B 347 -2.76 -12.44 -3.77
N ALA B 348 -3.42 -12.09 -2.68
CA ALA B 348 -4.74 -12.62 -2.42
C ALA B 348 -5.78 -11.92 -3.29
N THR B 349 -5.75 -10.60 -3.31
CA THR B 349 -6.73 -9.82 -4.07
C THR B 349 -6.63 -9.99 -5.59
N LEU B 350 -5.42 -9.86 -6.12
CA LEU B 350 -5.23 -9.97 -7.56
C LEU B 350 -5.04 -11.39 -8.11
N PHE B 351 -4.30 -12.22 -7.38
CA PHE B 351 -4.04 -13.59 -7.84
C PHE B 351 -4.90 -14.66 -7.16
N ARG B 352 -5.71 -14.23 -6.21
CA ARG B 352 -6.62 -15.11 -5.50
C ARG B 352 -5.93 -16.22 -4.72
N MET B 353 -4.77 -15.90 -4.17
CA MET B 353 -4.04 -16.87 -3.35
C MET B 353 -4.70 -16.85 -1.97
N THR B 354 -4.75 -17.99 -1.30
CA THR B 354 -5.35 -18.08 0.03
C THR B 354 -4.47 -17.41 1.08
N VAL B 355 -5.03 -17.14 2.25
CA VAL B 355 -4.24 -16.55 3.32
C VAL B 355 -3.06 -17.44 3.63
N GLU B 356 -3.29 -18.76 3.70
CA GLU B 356 -2.20 -19.69 3.98
C GLU B 356 -1.09 -19.58 2.93
N GLU B 357 -1.48 -19.53 1.65
CA GLU B 357 -0.48 -19.42 0.60
C GLU B 357 0.31 -18.12 0.69
N CYS B 358 -0.37 -17.01 0.97
CA CYS B 358 0.31 -15.73 1.07
C CYS B 358 1.34 -15.69 2.20
N LEU B 359 0.99 -16.25 3.36
CA LEU B 359 1.91 -16.26 4.49
C LEU B 359 3.10 -17.18 4.21
N THR B 360 2.82 -18.31 3.57
CA THR B 360 3.89 -19.24 3.24
C THR B 360 4.79 -18.67 2.16
N ALA B 361 4.20 -17.85 1.28
CA ALA B 361 4.93 -17.25 0.16
C ALA B 361 5.98 -16.21 0.56
N THR B 362 5.85 -15.63 1.75
CA THR B 362 6.81 -14.61 2.18
C THR B 362 7.70 -15.09 3.32
N THR B 363 7.63 -16.38 3.63
CA THR B 363 8.45 -16.93 4.68
C THR B 363 9.12 -18.23 4.23
N ARG B 364 8.45 -19.36 4.42
CA ARG B 364 9.04 -20.64 4.03
C ARG B 364 9.44 -20.71 2.56
N ASN B 365 8.51 -20.44 1.66
CA ASN B 365 8.83 -20.52 0.24
C ASN B 365 9.77 -19.43 -0.23
N ALA B 366 9.74 -18.27 0.41
CA ALA B 366 10.64 -17.18 0.04
C ALA B 366 12.07 -17.59 0.40
N ALA B 367 12.22 -18.26 1.54
CA ALA B 367 13.55 -18.71 1.95
C ALA B 367 14.05 -19.77 0.98
N LYS B 368 13.19 -20.69 0.60
CA LYS B 368 13.59 -21.73 -0.35
C LYS B 368 14.02 -21.13 -1.69
N ALA B 369 13.30 -20.09 -2.14
CA ALA B 369 13.61 -19.45 -3.41
C ALA B 369 15.00 -18.83 -3.40
N LEU B 370 15.56 -18.66 -2.20
CA LEU B 370 16.89 -18.09 -2.05
C LEU B 370 17.91 -19.15 -1.64
N GLY B 371 17.42 -20.36 -1.40
CA GLY B 371 18.28 -21.46 -0.99
C GLY B 371 18.71 -21.33 0.46
N LEU B 372 17.86 -20.69 1.26
CA LEU B 372 18.16 -20.46 2.68
C LEU B 372 17.23 -21.16 3.66
N LEU B 373 16.41 -22.09 3.16
CA LEU B 373 15.47 -22.77 4.04
C LEU B 373 16.08 -23.45 5.26
N ALA B 374 17.21 -24.12 5.10
CA ALA B 374 17.83 -24.79 6.25
C ALA B 374 18.34 -23.76 7.26
N GLU B 375 18.46 -22.52 6.81
CA GLU B 375 18.97 -21.44 7.63
C GLU B 375 17.92 -20.55 8.30
N THR B 376 16.86 -20.20 7.58
CA THR B 376 15.84 -19.32 8.12
C THR B 376 14.52 -19.58 7.39
N GLY B 377 13.50 -18.75 7.66
CA GLY B 377 12.24 -18.94 6.98
C GLY B 377 11.13 -19.61 7.77
N THR B 378 11.48 -20.41 8.77
CA THR B 378 10.48 -21.07 9.60
C THR B 378 10.93 -21.05 11.06
N LEU B 379 9.98 -21.23 11.97
CA LEU B 379 10.30 -21.25 13.39
C LEU B 379 10.54 -22.69 13.81
N GLU B 380 11.73 -23.19 13.51
CA GLU B 380 12.12 -24.54 13.84
C GLU B 380 13.47 -24.54 14.53
N ALA B 381 13.64 -25.45 15.50
CA ALA B 381 14.88 -25.55 16.24
C ALA B 381 16.03 -25.81 15.27
N GLY B 382 17.15 -25.12 15.49
CA GLY B 382 18.30 -25.29 14.63
C GLY B 382 18.52 -24.15 13.65
N LYS B 383 17.45 -23.42 13.36
CA LYS B 383 17.53 -22.30 12.43
C LYS B 383 17.82 -20.96 13.11
N SER B 384 18.10 -19.94 12.30
CA SER B 384 18.39 -18.62 12.84
C SER B 384 17.15 -18.06 13.54
N ALA B 385 17.35 -17.42 14.67
CA ALA B 385 16.23 -16.86 15.43
C ALA B 385 15.76 -15.55 14.80
N ASP B 386 15.11 -15.67 13.65
CA ASP B 386 14.60 -14.50 12.95
C ASP B 386 13.08 -14.54 12.96
N PHE B 387 12.45 -13.69 13.76
CA PHE B 387 11.00 -13.68 13.79
C PHE B 387 10.39 -12.31 14.01
N ALA B 388 9.10 -12.20 13.73
CA ALA B 388 8.36 -10.96 13.86
C ALA B 388 7.16 -11.17 14.77
N ILE B 389 6.97 -10.26 15.73
CA ILE B 389 5.84 -10.35 16.64
C ILE B 389 4.80 -9.37 16.12
N TRP B 390 3.57 -9.85 15.94
CA TRP B 390 2.51 -9.02 15.40
C TRP B 390 1.38 -8.68 16.38
N ASP B 391 0.88 -7.46 16.30
CA ASP B 391 -0.22 -7.02 17.16
C ASP B 391 -1.51 -7.35 16.42
N ILE B 392 -1.78 -8.64 16.27
CA ILE B 392 -2.97 -9.09 15.57
C ILE B 392 -3.64 -10.22 16.34
N GLU B 393 -4.92 -10.45 16.04
CA GLU B 393 -5.67 -11.51 16.71
C GLU B 393 -5.63 -12.77 15.84
N ARG B 394 -5.49 -12.57 14.54
CA ARG B 394 -5.45 -13.65 13.56
C ARG B 394 -4.41 -13.36 12.48
N PRO B 395 -3.66 -14.40 12.05
CA PRO B 395 -2.64 -14.22 11.01
C PRO B 395 -3.22 -13.65 9.72
N ALA B 396 -4.48 -13.96 9.46
CA ALA B 396 -5.15 -13.48 8.26
C ALA B 396 -5.11 -11.95 8.17
N GLU B 397 -5.02 -11.30 9.32
CA GLU B 397 -4.96 -9.83 9.37
C GLU B 397 -3.80 -9.26 8.55
N LEU B 398 -2.72 -10.03 8.43
CA LEU B 398 -1.55 -9.59 7.70
C LEU B 398 -1.77 -9.57 6.18
N VAL B 399 -2.80 -10.28 5.72
CA VAL B 399 -3.12 -10.33 4.30
C VAL B 399 -4.35 -9.48 3.99
N TYR B 400 -5.25 -9.41 4.97
CA TYR B 400 -6.51 -8.67 4.88
C TYR B 400 -6.42 -7.14 4.77
N ARG B 401 -5.65 -6.50 5.63
CA ARG B 401 -5.55 -5.05 5.58
C ARG B 401 -4.74 -4.52 4.39
N ILE B 402 -5.08 -3.30 3.97
CA ILE B 402 -4.40 -2.66 2.84
C ILE B 402 -3.71 -1.40 3.32
N GLY B 403 -2.38 -1.40 3.31
CA GLY B 403 -1.63 -0.24 3.73
C GLY B 403 -1.65 -0.01 5.23
N PHE B 404 -1.38 -1.07 5.98
CA PHE B 404 -1.34 -1.01 7.44
C PHE B 404 -0.15 -1.83 7.91
N ASN B 405 0.44 -1.43 9.04
CA ASN B 405 1.59 -2.16 9.57
C ASN B 405 1.34 -2.45 11.05
N PRO B 406 0.93 -3.68 11.36
CA PRO B 406 0.67 -4.06 12.75
C PRO B 406 1.86 -4.68 13.47
N LEU B 407 3.06 -4.53 12.92
CA LEU B 407 4.25 -5.10 13.53
C LEU B 407 4.47 -4.56 14.93
N HIS B 408 4.79 -5.45 15.86
CA HIS B 408 5.05 -5.03 17.24
C HIS B 408 6.55 -5.04 17.53
N ALA B 409 7.25 -6.03 16.98
CA ALA B 409 8.68 -6.14 17.18
C ALA B 409 9.30 -7.09 16.17
N ARG B 410 10.58 -6.87 15.88
CA ARG B 410 11.32 -7.71 14.94
C ARG B 410 12.56 -8.23 15.66
N ILE B 411 12.83 -9.53 15.50
CA ILE B 411 13.98 -10.17 16.13
C ILE B 411 14.86 -10.73 15.03
N PHE B 412 16.10 -10.27 14.96
CA PHE B 412 17.02 -10.74 13.93
C PHE B 412 18.19 -11.44 14.61
N LYS B 413 18.37 -12.73 14.28
CA LYS B 413 19.43 -13.52 14.87
C LYS B 413 19.39 -13.43 16.39
N GLY B 414 18.19 -13.59 16.96
CA GLY B 414 18.05 -13.57 18.40
C GLY B 414 18.03 -12.21 19.07
N GLN B 415 18.37 -11.16 18.35
CA GLN B 415 18.39 -9.83 18.94
C GLN B 415 17.19 -8.98 18.55
N LYS B 416 16.52 -8.38 19.53
CA LYS B 416 15.38 -7.52 19.25
C LYS B 416 16.02 -6.28 18.65
N VAL B 417 15.60 -5.87 17.47
CA VAL B 417 16.24 -4.72 16.85
C VAL B 417 15.46 -3.43 16.80
N SER B 418 14.15 -3.53 17.02
CA SER B 418 13.22 -2.41 17.00
C SER B 418 11.94 -2.93 16.34
FE FE C . -18.04 4.43 2.14
FE FE D . 12.41 -8.17 -11.27
MG MG E . -3.20 -6.43 20.50
CL CL F . -5.14 -6.61 24.61
O1 NIG G . 13.20 -5.73 -13.24
NF NIG G . 12.33 -0.97 -14.24
CF NIG G . 13.16 -1.79 -14.70
N NIG G . 13.15 -3.19 -14.25
CA NIG G . 12.46 -4.25 -15.03
CB NIG G . 13.04 -4.34 -16.45
CG NIG G . 12.00 -4.93 -17.40
CD NIG G . 12.05 -4.32 -18.79
OE1 NIG G . 13.14 -3.93 -19.28
OE2 NIG G . 10.98 -4.19 -19.43
C NIG G . 12.60 -5.62 -14.33
O2 NIG G . 12.08 -6.63 -14.83
#